data_4KP5
#
_entry.id   4KP5
#
_cell.length_a   77.297
_cell.length_b   74.157
_cell.length_c   91.395
_cell.angle_alpha   90.000
_cell.angle_beta   108.810
_cell.angle_gamma   90.000
#
_symmetry.space_group_name_H-M   'P 1 21 1'
#
loop_
_entity.id
_entity.type
_entity.pdbx_description
1 polymer 'Carbonic anhydrase 12'
2 non-polymer 'ZINC ION'
3 non-polymer 2-chloro-4-[(pyrimidin-2-ylsulfanyl)acetyl]benzenesulfonamide
4 non-polymer 1,2-ETHANEDIOL
5 non-polymer 'SULFATE ION'
6 water water
#
_entity_poly.entity_id   1
_entity_poly.type   'polypeptide(L)'
_entity_poly.pdbx_seq_one_letter_code
;MSKWTYFGPDGENSWSKKYPSCGGLLQSPIDLHSDILQYDASLTPLEFQGYNLSANKQFLLTNNGHSVKLNLPSDMHIQG
LQSRYSATQLHLHWGNPNDPHGSEHTVSGQHFAAELHIVHYNSDLYPDASTASNKSEGLAVLAVLIEMGSFNPSYDKIFS
HLQHVKYKGQEAFVPGFNIEELLPERTAEYYRYRGSLTTPPCNPTVLWTVFRNPVQISQEQLLALETALYCTHMDDPSPR
EMINNFRQVQKFDERLVYTSFSQ
;
_entity_poly.pdbx_strand_id   A,B,C,D
#
loop_
_chem_comp.id
_chem_comp.type
_chem_comp.name
_chem_comp.formula
E1F non-polymer 2-chloro-4-[(pyrimidin-2-ylsulfanyl)acetyl]benzenesulfonamide 'C12 H10 Cl N3 O3 S2'
EDO non-polymer 1,2-ETHANEDIOL 'C2 H6 O2'
SO4 non-polymer 'SULFATE ION' 'O4 S -2'
ZN non-polymer 'ZINC ION' 'Zn 2'
#
# COMPACT_ATOMS: atom_id res chain seq x y z
N LYS A 3 34.79 6.11 3.67
N LYS A 3 35.36 5.15 3.80
CA LYS A 3 34.55 4.89 2.80
CA LYS A 3 34.18 5.37 2.83
C LYS A 3 33.77 3.83 3.54
C LYS A 3 32.83 4.66 3.10
N TRP A 4 32.74 3.33 2.87
CA TRP A 4 31.74 2.53 3.60
C TRP A 4 32.32 1.16 3.87
N THR A 5 31.92 0.61 5.00
CA THR A 5 32.37 -0.73 5.41
C THR A 5 31.20 -1.46 6.07
N TYR A 6 31.45 -2.70 6.50
CA TYR A 6 30.47 -3.43 7.27
C TYR A 6 30.75 -3.50 8.77
N PHE A 7 31.77 -2.76 9.21
CA PHE A 7 32.21 -2.88 10.63
C PHE A 7 32.84 -1.56 11.03
N GLY A 8 32.49 -1.12 12.23
CA GLY A 8 33.11 0.08 12.87
C GLY A 8 32.31 1.31 12.43
N PRO A 9 32.91 2.49 12.54
CA PRO A 9 32.28 3.79 12.37
C PRO A 9 31.61 3.99 11.04
N ASP A 10 32.06 3.21 10.05
CA ASP A 10 31.58 3.45 8.72
C ASP A 10 30.62 2.32 8.21
N GLY A 11 30.13 1.58 9.22
CA GLY A 11 29.29 0.34 9.05
C GLY A 11 27.90 0.78 8.68
N GLU A 12 27.03 -0.20 8.52
CA GLU A 12 25.74 -0.02 7.92
C GLU A 12 24.78 1.00 8.53
N ASN A 13 24.89 1.20 9.87
CA ASN A 13 24.01 2.18 10.45
C ASN A 13 24.36 3.59 10.04
N SER A 14 25.62 3.74 9.56
N SER A 14 25.51 3.81 9.42
CA SER A 14 26.19 5.03 9.11
CA SER A 14 25.87 5.22 9.07
C SER A 14 26.14 5.27 7.59
C SER A 14 25.85 5.37 7.56
N TRP A 15 25.64 4.30 6.81
CA TRP A 15 25.62 4.47 5.31
C TRP A 15 24.67 5.60 4.90
N SER A 16 23.59 5.85 5.63
CA SER A 16 22.59 6.80 5.16
C SER A 16 23.15 8.26 5.20
N LYS A 17 24.27 8.41 5.91
N LYS A 17 24.28 8.43 5.88
N LYS A 17 24.18 8.52 5.94
CA LYS A 17 24.95 9.72 6.03
CA LYS A 17 24.91 9.78 5.91
CA LYS A 17 24.64 9.95 5.88
C LYS A 17 25.27 10.26 4.65
C LYS A 17 25.56 10.16 4.63
C LYS A 17 25.07 10.32 4.43
N LYS A 18 25.85 9.44 3.76
N LYS A 18 26.35 9.28 4.01
CA LYS A 18 26.40 9.90 2.50
CA LYS A 18 26.73 9.55 2.62
C LYS A 18 25.48 9.34 1.43
C LYS A 18 25.82 9.08 1.47
N TYR A 19 24.83 8.22 1.76
CA TYR A 19 24.03 7.52 0.77
C TYR A 19 22.57 7.55 1.25
N PRO A 20 21.82 8.62 0.98
CA PRO A 20 20.59 8.81 1.67
C PRO A 20 19.61 7.70 1.40
N SER A 21 19.69 7.02 0.24
CA SER A 21 18.70 6.01 -0.03
C SER A 21 18.84 4.83 0.93
N CYS A 22 19.98 4.70 1.62
CA CYS A 22 20.11 3.64 2.65
C CYS A 22 19.15 3.79 3.79
N GLY A 23 18.59 4.97 3.97
CA GLY A 23 17.53 5.19 4.91
C GLY A 23 16.22 5.44 4.38
N GLY A 24 15.99 5.20 3.11
CA GLY A 24 14.73 5.34 2.41
C GLY A 24 13.88 4.11 2.29
N LEU A 25 12.97 4.15 1.35
CA LEU A 25 12.03 3.07 1.14
C LEU A 25 12.61 1.88 0.39
N LEU A 26 11.89 0.75 0.51
CA LEU A 26 12.01 -0.49 -0.32
C LEU A 26 13.41 -1.09 -0.02
N GLN A 27 13.94 -0.97 1.17
CA GLN A 27 15.34 -1.54 1.45
C GLN A 27 15.37 -3.06 1.58
N SER A 28 16.49 -3.59 1.05
CA SER A 28 16.77 -5.03 1.16
C SER A 28 18.06 -5.18 1.94
N PRO A 29 18.39 -6.38 2.47
CA PRO A 29 17.60 -7.60 2.35
C PRO A 29 16.51 -7.66 3.38
N ILE A 30 15.73 -8.76 3.37
CA ILE A 30 14.53 -8.94 4.21
C ILE A 30 14.49 -10.43 4.62
N ASP A 31 13.69 -10.63 5.69
CA ASP A 31 13.42 -11.99 6.13
C ASP A 31 12.23 -12.47 5.33
N LEU A 32 12.38 -13.64 4.75
CA LEU A 32 11.35 -14.30 4.00
C LEU A 32 10.59 -15.29 4.88
N HIS A 33 9.49 -14.79 5.44
CA HIS A 33 8.78 -15.74 6.33
C HIS A 33 7.38 -15.94 5.94
N SER A 34 6.79 -17.03 6.46
CA SER A 34 5.57 -17.52 5.92
C SER A 34 4.42 -16.52 5.92
N ASP A 35 4.35 -15.67 6.95
CA ASP A 35 3.22 -14.77 7.08
C ASP A 35 3.12 -13.79 5.90
N ILE A 36 4.25 -13.51 5.20
CA ILE A 36 4.22 -12.45 4.19
C ILE A 36 4.35 -13.05 2.81
N LEU A 37 4.30 -14.39 2.72
CA LEU A 37 4.48 -15.05 1.35
C LEU A 37 3.11 -15.20 0.67
N GLN A 38 3.03 -14.92 -0.64
CA GLN A 38 1.75 -15.22 -1.33
C GLN A 38 2.07 -15.77 -2.70
N TYR A 39 1.50 -16.94 -3.01
CA TYR A 39 1.67 -17.59 -4.26
C TYR A 39 1.07 -16.65 -5.30
N ASP A 40 1.77 -16.52 -6.39
CA ASP A 40 1.36 -15.80 -7.54
C ASP A 40 1.64 -16.73 -8.75
N ALA A 41 0.57 -17.38 -9.29
CA ALA A 41 0.66 -18.14 -10.55
C ALA A 41 1.23 -17.36 -11.74
N SER A 42 1.22 -16.02 -11.70
CA SER A 42 1.90 -15.21 -12.73
C SER A 42 3.41 -15.45 -12.85
N LEU A 43 3.99 -16.00 -11.79
CA LEU A 43 5.44 -16.17 -11.74
C LEU A 43 6.03 -17.34 -12.44
N THR A 44 6.23 -17.17 -13.74
CA THR A 44 6.68 -18.20 -14.58
C THR A 44 8.22 -18.37 -14.57
N PRO A 45 8.75 -19.49 -15.08
CA PRO A 45 10.21 -19.70 -15.08
C PRO A 45 11.01 -18.67 -15.88
N LEU A 46 12.11 -18.20 -15.35
CA LEU A 46 13.00 -17.31 -16.13
C LEU A 46 13.80 -18.21 -17.06
N GLU A 47 14.28 -17.62 -18.12
CA GLU A 47 15.17 -18.26 -19.02
C GLU A 47 16.49 -17.57 -18.96
N PHE A 48 17.58 -18.35 -18.83
CA PHE A 48 18.94 -17.86 -18.67
C PHE A 48 19.64 -17.98 -20.01
N GLN A 49 19.90 -16.84 -20.59
CA GLN A 49 20.29 -16.82 -22.03
C GLN A 49 21.73 -16.31 -22.06
N GLY A 50 22.63 -16.90 -22.84
CA GLY A 50 23.96 -16.56 -22.84
C GLY A 50 24.81 -16.72 -21.52
N TYR A 51 24.35 -17.66 -20.71
CA TYR A 51 25.04 -18.00 -19.45
C TYR A 51 26.21 -18.91 -19.72
N ASN A 52 26.19 -19.63 -20.87
CA ASN A 52 27.31 -20.55 -21.13
C ASN A 52 28.46 -19.78 -21.76
N LEU A 53 29.26 -19.17 -20.93
CA LEU A 53 30.25 -18.20 -21.34
C LEU A 53 31.30 -18.94 -22.18
N SER A 54 31.64 -18.33 -23.29
CA SER A 54 32.68 -18.90 -24.18
C SER A 54 33.87 -19.33 -23.32
N ALA A 55 34.29 -20.59 -23.40
CA ALA A 55 35.51 -21.00 -22.67
C ALA A 55 36.76 -20.35 -23.33
N ASN A 56 36.57 -19.73 -24.50
CA ASN A 56 37.67 -18.97 -25.13
C ASN A 56 37.74 -17.48 -24.82
N LYS A 57 36.83 -16.98 -23.93
CA LYS A 57 36.91 -15.63 -23.40
C LYS A 57 37.38 -15.66 -21.89
N GLN A 58 37.93 -14.57 -21.43
CA GLN A 58 38.34 -14.43 -19.98
C GLN A 58 37.58 -13.33 -19.36
N PHE A 59 37.17 -13.52 -18.09
CA PHE A 59 36.35 -12.54 -17.38
C PHE A 59 37.02 -12.06 -16.12
N LEU A 60 37.00 -10.75 -15.93
CA LEU A 60 37.78 -10.08 -14.92
C LEU A 60 37.19 -10.31 -13.47
N LEU A 61 37.96 -10.90 -12.62
CA LEU A 61 37.66 -11.09 -11.20
C LEU A 61 38.41 -10.07 -10.42
N THR A 62 37.73 -9.38 -9.52
N THR A 62 37.73 -9.30 -9.56
CA THR A 62 38.33 -8.33 -8.78
CA THR A 62 38.34 -8.22 -8.81
C THR A 62 38.04 -8.55 -7.30
C THR A 62 37.94 -8.24 -7.34
N ASN A 63 38.88 -7.96 -6.44
CA ASN A 63 38.50 -7.71 -5.04
C ASN A 63 38.35 -6.15 -4.96
N ASN A 64 37.12 -5.68 -4.73
CA ASN A 64 36.90 -4.25 -4.67
C ASN A 64 36.84 -3.68 -3.23
N GLY A 65 37.32 -4.46 -2.28
CA GLY A 65 37.37 -4.04 -0.89
C GLY A 65 36.06 -4.34 -0.15
N HIS A 66 34.99 -4.72 -0.88
CA HIS A 66 33.67 -5.10 -0.25
C HIS A 66 33.25 -6.52 -0.52
N SER A 67 33.62 -7.07 -1.67
CA SER A 67 33.29 -8.47 -2.02
C SER A 67 34.34 -8.89 -3.08
N VAL A 68 34.17 -10.10 -3.54
CA VAL A 68 34.89 -10.54 -4.75
C VAL A 68 33.82 -10.50 -5.87
N LYS A 69 34.16 -9.85 -7.01
CA LYS A 69 33.20 -9.68 -8.11
C LYS A 69 33.78 -10.23 -9.40
N LEU A 70 32.93 -10.86 -10.19
CA LEU A 70 33.31 -11.38 -11.54
C LEU A 70 32.51 -10.55 -12.53
N ASN A 71 33.22 -9.92 -13.48
N ASN A 71 33.22 -9.86 -13.43
CA ASN A 71 32.54 -9.21 -14.53
CA ASN A 71 32.53 -9.10 -14.46
C ASN A 71 31.86 -10.16 -15.51
C ASN A 71 31.93 -10.04 -15.51
N LEU A 72 30.72 -9.72 -15.98
CA LEU A 72 29.96 -10.60 -16.89
C LEU A 72 29.62 -9.82 -18.16
N PRO A 73 29.39 -10.54 -19.29
CA PRO A 73 29.18 -9.80 -20.57
C PRO A 73 27.73 -9.50 -20.76
N SER A 74 27.48 -8.40 -21.52
CA SER A 74 26.11 -7.95 -21.65
C SER A 74 25.27 -8.85 -22.60
N ASP A 75 25.85 -9.81 -23.35
CA ASP A 75 24.97 -10.67 -24.09
C ASP A 75 24.33 -11.76 -23.20
N MET A 76 24.84 -11.88 -21.95
CA MET A 76 24.19 -12.79 -20.95
C MET A 76 23.02 -12.08 -20.35
N HIS A 77 21.89 -12.68 -20.40
CA HIS A 77 20.69 -12.02 -19.92
C HIS A 77 19.66 -12.94 -19.45
N ILE A 78 18.69 -12.33 -18.76
CA ILE A 78 17.44 -12.97 -18.37
C ILE A 78 16.35 -12.66 -19.36
N GLN A 79 15.62 -13.72 -19.76
CA GLN A 79 14.42 -13.58 -20.52
C GLN A 79 13.25 -14.00 -19.62
N GLY A 80 12.12 -13.30 -19.74
CA GLY A 80 10.94 -13.60 -18.89
C GLY A 80 10.36 -12.42 -18.13
N LEU A 81 11.20 -11.40 -17.91
CA LEU A 81 10.79 -10.13 -17.21
C LEU A 81 10.15 -9.14 -18.24
N GLN A 82 9.73 -7.95 -17.73
CA GLN A 82 9.09 -6.89 -18.57
C GLN A 82 10.02 -6.19 -19.51
N SER A 83 11.28 -6.36 -19.27
CA SER A 83 12.27 -5.85 -20.18
C SER A 83 13.34 -6.92 -20.17
N ARG A 84 14.27 -6.82 -21.11
CA ARG A 84 15.44 -7.71 -21.01
C ARG A 84 16.37 -7.11 -19.92
N TYR A 85 16.93 -8.02 -19.04
CA TYR A 85 17.89 -7.57 -18.08
C TYR A 85 19.22 -8.29 -18.36
N SER A 86 20.22 -7.50 -18.71
CA SER A 86 21.55 -8.04 -19.15
C SER A 86 22.49 -8.10 -17.94
N ALA A 87 23.32 -9.16 -17.92
CA ALA A 87 24.26 -9.31 -16.80
C ALA A 87 25.32 -8.25 -16.79
N THR A 88 25.73 -7.87 -15.57
CA THR A 88 26.89 -7.02 -15.41
C THR A 88 27.96 -7.62 -14.51
N GLN A 89 27.59 -8.33 -13.43
CA GLN A 89 28.61 -8.84 -12.54
C GLN A 89 27.93 -9.85 -11.57
N LEU A 90 28.74 -10.73 -11.00
CA LEU A 90 28.28 -11.48 -9.82
C LEU A 90 29.22 -11.32 -8.70
N HIS A 91 28.71 -11.53 -7.47
CA HIS A 91 29.57 -11.41 -6.28
C HIS A 91 28.90 -12.16 -5.13
N LEU A 92 29.56 -12.21 -3.99
CA LEU A 92 29.02 -12.99 -2.89
C LEU A 92 29.07 -12.21 -1.58
N HIS A 93 28.31 -12.71 -0.61
CA HIS A 93 28.28 -12.18 0.81
C HIS A 93 28.38 -13.36 1.71
N TRP A 94 29.15 -13.22 2.77
CA TRP A 94 29.35 -14.34 3.69
C TRP A 94 29.63 -13.84 5.13
N GLY A 95 29.79 -14.78 6.04
CA GLY A 95 29.98 -14.48 7.48
C GLY A 95 31.47 -14.61 7.86
N ASN A 96 31.69 -15.55 8.83
CA ASN A 96 33.10 -15.74 9.30
C ASN A 96 33.13 -17.14 9.97
N PRO A 97 34.36 -17.71 10.13
CA PRO A 97 34.37 -19.09 10.57
C PRO A 97 33.77 -19.33 11.97
N ASN A 98 33.81 -18.32 12.82
CA ASN A 98 33.12 -18.46 14.17
C ASN A 98 31.60 -18.34 14.13
N ASP A 99 31.05 -17.80 13.06
CA ASP A 99 29.61 -17.64 12.93
C ASP A 99 29.26 -17.69 11.42
N PRO A 100 29.34 -18.86 10.82
CA PRO A 100 29.41 -19.01 9.34
C PRO A 100 28.03 -18.98 8.76
N HIS A 101 27.36 -17.85 9.00
CA HIS A 101 25.92 -17.68 8.63
C HIS A 101 25.67 -16.30 8.11
N GLY A 102 26.23 -16.07 6.94
CA GLY A 102 26.37 -14.71 6.38
C GLY A 102 25.57 -14.44 5.11
N SER A 103 24.51 -15.20 4.82
CA SER A 103 23.60 -14.74 3.74
C SER A 103 22.98 -13.38 4.11
N GLU A 104 22.48 -12.73 3.10
CA GLU A 104 21.77 -11.46 3.34
C GLU A 104 20.27 -11.67 3.57
N HIS A 105 19.60 -12.33 2.66
CA HIS A 105 18.22 -12.77 2.94
C HIS A 105 18.22 -13.88 4.00
N THR A 106 17.18 -13.90 4.79
CA THR A 106 16.91 -15.08 5.71
C THR A 106 15.62 -15.65 5.35
N VAL A 107 15.46 -16.93 5.76
CA VAL A 107 14.24 -17.67 5.53
C VAL A 107 13.67 -18.14 6.93
N SER A 108 12.50 -17.64 7.31
CA SER A 108 11.91 -17.94 8.62
C SER A 108 12.93 -17.66 9.70
N GLY A 109 13.62 -16.51 9.53
CA GLY A 109 14.55 -15.96 10.53
C GLY A 109 15.97 -16.55 10.48
N GLN A 110 16.20 -17.57 9.60
CA GLN A 110 17.49 -18.21 9.53
C GLN A 110 18.39 -17.77 8.37
N HIS A 111 19.64 -17.47 8.72
CA HIS A 111 20.61 -17.21 7.69
C HIS A 111 21.11 -18.47 7.09
N PHE A 112 21.44 -18.41 5.83
CA PHE A 112 22.24 -19.43 5.17
C PHE A 112 23.74 -19.09 5.34
N ALA A 113 24.65 -19.98 4.91
CA ALA A 113 26.03 -19.72 5.12
C ALA A 113 26.52 -18.53 4.33
N ALA A 114 25.99 -18.39 3.12
CA ALA A 114 26.47 -17.32 2.19
C ALA A 114 25.39 -17.11 1.17
N GLU A 115 25.66 -16.09 0.32
CA GLU A 115 24.67 -15.83 -0.75
C GLU A 115 25.42 -15.27 -1.98
N LEU A 116 25.01 -15.75 -3.17
CA LEU A 116 25.55 -15.28 -4.47
C LEU A 116 24.49 -14.37 -5.09
N HIS A 117 24.98 -13.21 -5.61
CA HIS A 117 24.13 -12.33 -6.41
C HIS A 117 24.63 -12.16 -7.82
N ILE A 118 23.71 -12.39 -8.75
CA ILE A 118 24.05 -12.20 -10.18
C ILE A 118 23.27 -10.97 -10.60
N VAL A 119 24.00 -9.86 -10.73
CA VAL A 119 23.38 -8.51 -10.96
C VAL A 119 23.15 -8.32 -12.43
N HIS A 120 21.96 -7.91 -12.78
CA HIS A 120 21.59 -7.59 -14.21
C HIS A 120 20.98 -6.17 -14.24
N TYR A 121 21.03 -5.54 -15.42
CA TYR A 121 20.45 -4.17 -15.58
C TYR A 121 19.49 -4.13 -16.75
N ASN A 122 18.54 -3.18 -16.76
CA ASN A 122 17.55 -3.10 -17.86
C ASN A 122 18.23 -2.47 -19.09
N SER A 123 18.64 -3.38 -20.00
CA SER A 123 19.37 -2.95 -21.16
C SER A 123 18.41 -2.45 -22.22
N ASP A 124 17.12 -2.67 -22.10
CA ASP A 124 16.16 -2.15 -23.11
C ASP A 124 16.12 -0.66 -22.85
N LEU A 125 16.21 -0.26 -21.60
CA LEU A 125 16.08 1.21 -21.22
C LEU A 125 17.37 1.95 -21.10
N TYR A 126 18.45 1.31 -20.62
CA TYR A 126 19.68 1.95 -20.19
C TYR A 126 21.01 1.34 -20.81
N PRO A 127 22.02 2.14 -20.99
CA PRO A 127 23.20 1.59 -21.71
C PRO A 127 24.15 0.76 -20.87
N ASP A 128 24.05 0.89 -19.53
CA ASP A 128 25.00 0.14 -18.68
C ASP A 128 24.43 0.12 -17.27
N ALA A 129 25.06 -0.69 -16.39
CA ALA A 129 24.42 -0.91 -15.11
C ALA A 129 24.59 0.33 -14.22
N SER A 130 25.67 1.10 -14.41
CA SER A 130 25.93 2.29 -13.60
C SER A 130 24.80 3.25 -13.84
N THR A 131 24.39 3.48 -15.09
CA THR A 131 23.41 4.45 -15.44
C THR A 131 22.08 3.91 -14.98
N ALA A 132 21.85 2.61 -15.14
CA ALA A 132 20.55 2.06 -14.70
C ALA A 132 20.31 2.05 -13.14
N SER A 133 21.41 2.04 -12.40
CA SER A 133 21.34 1.72 -10.93
C SER A 133 20.41 2.65 -10.12
N ASN A 134 20.32 3.89 -10.56
CA ASN A 134 19.46 4.87 -9.86
C ASN A 134 18.20 5.22 -10.60
N LYS A 135 17.73 4.38 -11.48
CA LYS A 135 16.58 4.61 -12.31
C LYS A 135 15.51 3.59 -12.17
N SER A 136 14.31 3.96 -12.54
CA SER A 136 13.12 3.18 -12.38
C SER A 136 13.37 1.85 -13.13
N GLU A 137 13.01 0.76 -12.47
CA GLU A 137 13.12 -0.57 -13.18
C GLU A 137 14.55 -0.85 -13.57
N GLY A 138 15.52 -0.33 -12.85
CA GLY A 138 16.86 -0.32 -13.36
C GLY A 138 17.52 -1.69 -13.29
N LEU A 139 17.32 -2.45 -12.19
CA LEU A 139 18.20 -3.61 -11.92
C LEU A 139 17.35 -4.86 -11.63
N ALA A 140 17.94 -6.05 -11.82
CA ALA A 140 17.30 -7.30 -11.44
C ALA A 140 18.44 -8.17 -10.93
N VAL A 141 18.31 -8.73 -9.73
CA VAL A 141 19.34 -9.61 -9.20
C VAL A 141 18.78 -11.00 -8.98
N LEU A 142 19.60 -12.01 -9.35
CA LEU A 142 19.22 -13.42 -8.99
C LEU A 142 20.08 -13.65 -7.72
N ALA A 143 19.40 -14.19 -6.69
CA ALA A 143 20.13 -14.56 -5.45
C ALA A 143 19.97 -16.08 -5.21
N VAL A 144 21.20 -16.65 -4.96
CA VAL A 144 21.24 -18.09 -4.61
C VAL A 144 21.74 -18.17 -3.16
N LEU A 145 20.97 -18.90 -2.35
CA LEU A 145 21.38 -19.16 -0.97
C LEU A 145 22.37 -20.32 -1.00
N ILE A 146 23.37 -20.26 -0.16
CA ILE A 146 24.40 -21.25 -0.12
C ILE A 146 24.52 -21.81 1.29
N GLU A 147 24.54 -23.16 1.34
CA GLU A 147 24.76 -23.86 2.63
C GLU A 147 25.90 -24.86 2.49
N MET A 148 26.38 -25.34 3.64
CA MET A 148 27.53 -26.24 3.61
C MET A 148 27.06 -27.62 3.33
N GLY A 149 27.76 -28.34 2.44
CA GLY A 149 27.43 -29.77 2.21
C GLY A 149 28.52 -30.33 1.30
N SER A 150 28.04 -30.81 0.16
N SER A 150 28.08 -30.93 0.21
CA SER A 150 28.93 -31.35 -0.83
CA SER A 150 29.05 -31.60 -0.61
C SER A 150 29.93 -30.35 -1.47
C SER A 150 29.81 -30.58 -1.48
N PHE A 151 31.12 -30.83 -1.79
CA PHE A 151 31.99 -30.05 -2.65
C PHE A 151 31.24 -29.71 -3.99
N ASN A 152 31.46 -28.49 -4.47
CA ASN A 152 30.81 -28.02 -5.65
C ASN A 152 31.81 -27.57 -6.68
N PRO A 153 32.07 -28.43 -7.71
CA PRO A 153 33.06 -28.11 -8.72
C PRO A 153 32.78 -26.78 -9.43
N SER A 154 31.49 -26.46 -9.58
CA SER A 154 31.22 -25.21 -10.38
C SER A 154 31.62 -23.96 -9.61
N TYR A 155 31.26 -23.94 -8.28
CA TYR A 155 31.76 -22.77 -7.46
C TYR A 155 33.26 -22.72 -7.40
N ASP A 156 33.90 -23.92 -7.47
CA ASP A 156 35.38 -23.90 -7.48
C ASP A 156 35.97 -23.23 -8.76
N LYS A 157 35.17 -23.10 -9.82
CA LYS A 157 35.65 -22.41 -10.98
C LYS A 157 35.88 -20.93 -10.61
N ILE A 158 35.18 -20.38 -9.57
CA ILE A 158 35.51 -19.03 -9.13
C ILE A 158 36.47 -19.14 -7.92
N PHE A 159 36.18 -20.08 -6.99
CA PHE A 159 36.97 -20.08 -5.76
C PHE A 159 38.47 -20.39 -5.95
N SER A 160 38.79 -21.13 -7.02
CA SER A 160 40.20 -21.46 -7.23
C SER A 160 41.01 -20.26 -7.61
N HIS A 161 40.36 -19.12 -7.96
CA HIS A 161 41.11 -17.91 -8.24
C HIS A 161 41.19 -16.90 -7.08
N LEU A 162 40.59 -17.24 -5.91
CA LEU A 162 40.57 -16.29 -4.79
C LEU A 162 41.96 -15.88 -4.34
N GLN A 163 42.92 -16.84 -4.42
CA GLN A 163 44.26 -16.47 -3.87
C GLN A 163 44.89 -15.33 -4.67
N HIS A 164 44.51 -15.24 -5.95
CA HIS A 164 44.95 -14.11 -6.81
C HIS A 164 44.31 -12.81 -6.62
N VAL A 165 43.23 -12.82 -5.77
CA VAL A 165 42.59 -11.55 -5.55
C VAL A 165 42.46 -11.24 -4.05
N LYS A 166 43.46 -11.69 -3.30
N LYS A 166 43.48 -11.68 -3.34
CA LYS A 166 43.47 -11.50 -1.81
CA LYS A 166 43.58 -11.55 -1.88
C LYS A 166 43.21 -10.05 -1.38
C LYS A 166 43.33 -10.14 -1.35
N TYR A 167 43.87 -9.09 -2.03
CA TYR A 167 43.79 -7.75 -1.52
C TYR A 167 43.05 -6.77 -2.41
N LYS A 168 42.55 -5.70 -1.80
CA LYS A 168 41.75 -4.74 -2.54
C LYS A 168 42.48 -4.22 -3.80
N GLY A 169 41.81 -4.11 -4.95
CA GLY A 169 42.57 -3.63 -6.13
C GLY A 169 43.22 -4.74 -6.93
N GLN A 170 43.37 -5.94 -6.34
CA GLN A 170 43.90 -7.01 -7.17
C GLN A 170 42.87 -7.61 -8.11
N GLU A 171 43.37 -8.25 -9.17
N GLU A 171 43.32 -8.27 -9.18
CA GLU A 171 42.58 -8.77 -10.24
CA GLU A 171 42.47 -8.76 -10.24
C GLU A 171 43.10 -10.13 -10.74
C GLU A 171 43.07 -9.95 -10.93
N ALA A 172 42.22 -10.86 -11.38
CA ALA A 172 42.60 -12.09 -12.07
C ALA A 172 41.59 -12.35 -13.17
N PHE A 173 41.87 -13.28 -14.05
CA PHE A 173 41.02 -13.62 -15.18
C PHE A 173 40.55 -15.05 -15.04
N VAL A 174 39.23 -15.25 -15.21
CA VAL A 174 38.58 -16.52 -15.10
C VAL A 174 38.10 -16.91 -16.48
N PRO A 175 38.47 -18.10 -16.96
CA PRO A 175 37.98 -18.50 -18.28
C PRO A 175 36.47 -18.74 -18.21
N GLY A 176 35.80 -18.47 -19.30
CA GLY A 176 34.41 -18.66 -19.30
C GLY A 176 34.01 -20.03 -18.93
N PHE A 177 32.91 -20.09 -18.16
CA PHE A 177 32.19 -21.33 -17.87
C PHE A 177 30.65 -21.12 -17.79
N ASN A 178 29.87 -22.16 -17.68
CA ASN A 178 28.42 -22.00 -17.69
C ASN A 178 27.90 -21.52 -16.31
N ILE A 179 27.59 -20.20 -16.31
CA ILE A 179 27.13 -19.64 -15.01
C ILE A 179 25.83 -20.33 -14.52
N GLU A 180 25.00 -20.93 -15.35
CA GLU A 180 23.84 -21.55 -14.86
C GLU A 180 24.24 -22.71 -13.87
N GLU A 181 25.54 -23.16 -13.93
CA GLU A 181 25.87 -24.25 -13.00
C GLU A 181 25.86 -23.71 -11.54
N LEU A 182 25.88 -22.36 -11.37
CA LEU A 182 25.91 -21.87 -10.00
C LEU A 182 24.49 -21.80 -9.45
N LEU A 183 23.46 -22.01 -10.26
CA LEU A 183 22.06 -21.93 -9.82
C LEU A 183 21.65 -23.25 -9.17
N PRO A 184 20.69 -23.22 -8.27
CA PRO A 184 20.17 -24.43 -7.65
C PRO A 184 19.23 -25.18 -8.51
N GLU A 185 18.79 -26.29 -7.88
CA GLU A 185 17.71 -27.12 -8.45
C GLU A 185 16.39 -26.37 -8.44
N ARG A 186 15.56 -26.68 -9.46
CA ARG A 186 14.22 -26.19 -9.55
C ARG A 186 14.27 -24.65 -9.43
N THR A 187 14.97 -24.09 -10.39
CA THR A 187 14.95 -22.63 -10.51
C THR A 187 13.59 -22.05 -10.81
N ALA A 188 12.63 -22.87 -11.27
CA ALA A 188 11.22 -22.35 -11.31
C ALA A 188 10.65 -21.92 -9.97
N GLU A 189 11.26 -22.38 -8.88
CA GLU A 189 10.73 -22.10 -7.54
C GLU A 189 11.52 -20.95 -6.97
N TYR A 190 10.87 -19.80 -6.75
CA TYR A 190 11.56 -18.59 -6.27
C TYR A 190 10.62 -17.69 -5.53
N TYR A 191 11.24 -16.82 -4.72
CA TYR A 191 10.64 -15.58 -4.11
C TYR A 191 10.91 -14.35 -4.96
N ARG A 192 9.92 -13.50 -5.03
CA ARG A 192 10.05 -12.27 -5.86
C ARG A 192 9.50 -11.07 -5.09
N TYR A 193 10.30 -9.96 -5.09
CA TYR A 193 9.80 -8.74 -4.48
C TYR A 193 10.59 -7.57 -5.01
N ARG A 194 10.07 -6.35 -4.87
CA ARG A 194 10.79 -5.16 -5.28
C ARG A 194 11.54 -4.62 -4.07
N GLY A 195 12.82 -4.38 -4.26
CA GLY A 195 13.68 -3.87 -3.20
C GLY A 195 14.81 -3.02 -3.66
N SER A 196 15.95 -3.18 -3.05
CA SER A 196 16.99 -2.17 -3.25
C SER A 196 18.39 -2.90 -3.38
N LEU A 197 19.38 -2.16 -3.79
CA LEU A 197 20.74 -2.67 -3.64
C LEU A 197 20.96 -2.92 -2.12
N THR A 198 21.68 -3.98 -1.73
CA THR A 198 21.94 -4.16 -0.31
C THR A 198 23.24 -3.48 0.13
N THR A 199 23.95 -2.79 -0.82
CA THR A 199 25.11 -2.01 -0.55
C THR A 199 24.81 -0.59 -0.94
N PRO A 200 25.63 0.32 -0.35
CA PRO A 200 25.52 1.71 -0.87
C PRO A 200 25.64 1.73 -2.42
N PRO A 201 24.87 2.52 -3.09
CA PRO A 201 24.03 3.63 -2.55
C PRO A 201 22.62 3.24 -2.17
N CYS A 202 22.31 1.91 -2.19
CA CYS A 202 21.00 1.34 -1.66
C CYS A 202 19.79 1.80 -2.45
N ASN A 203 20.02 2.11 -3.74
CA ASN A 203 18.86 2.60 -4.51
C ASN A 203 17.76 1.62 -4.59
N PRO A 204 16.49 2.02 -4.46
CA PRO A 204 15.35 1.09 -4.42
C PRO A 204 14.88 0.73 -5.84
N THR A 205 15.85 0.17 -6.59
CA THR A 205 15.61 -0.01 -8.02
C THR A 205 15.87 -1.47 -8.46
N VAL A 206 15.84 -2.41 -7.48
CA VAL A 206 16.06 -3.82 -7.81
C VAL A 206 14.87 -4.70 -7.72
N LEU A 207 14.64 -5.47 -8.76
CA LEU A 207 13.64 -6.53 -8.78
C LEU A 207 14.40 -7.82 -8.33
N TRP A 208 14.11 -8.24 -7.09
CA TRP A 208 14.72 -9.45 -6.51
C TRP A 208 14.03 -10.77 -6.91
N THR A 209 14.92 -11.74 -7.22
CA THR A 209 14.51 -13.10 -7.40
C THR A 209 15.44 -13.93 -6.50
N VAL A 210 14.85 -14.50 -5.44
CA VAL A 210 15.67 -15.35 -4.54
C VAL A 210 15.17 -16.81 -4.77
N PHE A 211 16.08 -17.64 -5.27
CA PHE A 211 15.65 -19.03 -5.49
C PHE A 211 15.32 -19.69 -4.19
N ARG A 212 14.29 -20.58 -4.27
CA ARG A 212 13.76 -21.25 -3.03
C ARG A 212 14.82 -22.21 -2.48
N ASN A 213 15.53 -22.91 -3.40
CA ASN A 213 16.43 -24.00 -2.96
C ASN A 213 17.83 -23.48 -2.89
N PRO A 214 18.59 -23.88 -1.82
CA PRO A 214 19.97 -23.51 -1.73
C PRO A 214 20.88 -24.44 -2.58
N VAL A 215 22.08 -23.99 -2.84
CA VAL A 215 23.15 -24.87 -3.36
C VAL A 215 24.04 -25.25 -2.19
N GLN A 216 24.91 -26.27 -2.42
CA GLN A 216 25.93 -26.65 -1.39
C GLN A 216 27.29 -26.42 -1.86
N ILE A 217 28.17 -26.01 -0.93
CA ILE A 217 29.64 -26.03 -1.13
C ILE A 217 30.22 -26.78 0.07
N SER A 218 31.44 -27.23 -0.12
CA SER A 218 31.94 -27.98 1.03
C SER A 218 32.39 -27.10 2.21
N GLN A 219 32.67 -27.73 3.34
CA GLN A 219 33.22 -26.95 4.44
C GLN A 219 34.52 -26.31 4.11
N GLU A 220 35.37 -26.92 3.33
CA GLU A 220 36.60 -26.35 2.98
C GLU A 220 36.42 -25.14 2.00
N GLN A 221 35.44 -25.30 1.05
CA GLN A 221 35.18 -24.15 0.13
C GLN A 221 34.59 -22.97 0.92
N LEU A 222 33.72 -23.27 1.87
CA LEU A 222 33.15 -22.17 2.64
C LEU A 222 34.26 -21.49 3.47
N LEU A 223 35.15 -22.31 4.12
CA LEU A 223 36.23 -21.66 4.93
C LEU A 223 37.16 -20.89 4.02
N ALA A 224 37.39 -21.35 2.77
CA ALA A 224 38.25 -20.60 1.86
C ALA A 224 37.68 -19.25 1.55
N LEU A 225 36.39 -19.24 1.24
CA LEU A 225 35.77 -17.95 0.88
C LEU A 225 35.83 -17.02 2.08
N GLU A 226 35.61 -17.55 3.30
CA GLU A 226 35.65 -16.70 4.47
C GLU A 226 37.01 -16.16 4.90
N THR A 227 38.07 -16.85 4.46
CA THR A 227 39.44 -16.55 4.97
C THR A 227 40.37 -16.03 3.87
N ALA A 228 40.02 -16.05 2.57
CA ALA A 228 40.92 -15.78 1.47
C ALA A 228 41.18 -14.34 1.27
N LEU A 229 40.22 -13.47 1.67
CA LEU A 229 40.28 -12.10 1.15
C LEU A 229 40.36 -11.07 2.23
N TYR A 230 40.94 -9.95 1.87
CA TYR A 230 41.03 -8.73 2.68
C TYR A 230 40.33 -7.54 2.05
N CYS A 231 39.88 -6.61 2.90
CA CYS A 231 39.23 -5.37 2.45
C CYS A 231 40.21 -4.31 2.08
N THR A 232 41.44 -4.52 2.53
CA THR A 232 42.47 -3.49 2.45
C THR A 232 43.47 -3.86 1.31
N HIS A 233 44.23 -2.81 0.92
CA HIS A 233 45.31 -2.96 -0.04
C HIS A 233 46.46 -3.70 0.59
N MET A 234 47.22 -4.35 -0.26
CA MET A 234 48.31 -5.19 0.15
C MET A 234 49.27 -4.53 1.13
N ASP A 235 49.59 -3.24 0.92
N ASP A 235 49.57 -3.25 0.89
CA ASP A 235 50.61 -2.59 1.76
CA ASP A 235 50.58 -2.56 1.71
C ASP A 235 50.09 -1.94 3.03
C ASP A 235 49.97 -1.66 2.78
N ASP A 236 48.79 -2.03 3.24
CA ASP A 236 48.14 -1.36 4.36
C ASP A 236 48.69 -1.90 5.65
N PRO A 237 49.35 -1.04 6.47
CA PRO A 237 49.86 -1.57 7.74
C PRO A 237 48.78 -2.05 8.76
N SER A 238 47.49 -1.78 8.50
CA SER A 238 46.44 -2.29 9.38
C SER A 238 45.43 -3.11 8.55
N PRO A 239 45.80 -4.38 8.23
CA PRO A 239 44.92 -5.16 7.36
C PRO A 239 43.55 -5.46 8.03
N ARG A 240 42.50 -5.55 7.20
CA ARG A 240 41.18 -5.92 7.67
C ARG A 240 40.67 -7.09 6.80
N GLU A 241 40.35 -8.17 7.47
CA GLU A 241 39.84 -9.31 6.73
C GLU A 241 38.46 -9.01 6.17
N MET A 242 38.19 -9.61 5.00
CA MET A 242 36.87 -9.51 4.40
C MET A 242 35.96 -10.61 4.90
N ILE A 243 35.24 -10.25 6.01
CA ILE A 243 34.30 -11.19 6.63
C ILE A 243 32.99 -10.41 6.96
N ASN A 244 31.89 -11.11 7.17
CA ASN A 244 30.65 -10.49 7.65
C ASN A 244 30.23 -9.35 6.74
N ASN A 245 30.42 -9.60 5.39
CA ASN A 245 30.10 -8.56 4.39
C ASN A 245 28.65 -8.75 3.92
N PHE A 246 27.69 -8.76 4.87
CA PHE A 246 26.23 -8.80 4.54
C PHE A 246 25.55 -7.71 5.37
N ARG A 247 24.47 -7.20 4.80
CA ARG A 247 23.67 -6.23 5.52
C ARG A 247 22.66 -6.91 6.43
N GLN A 248 22.39 -6.42 7.65
CA GLN A 248 21.24 -6.88 8.40
C GLN A 248 19.91 -6.75 7.72
N VAL A 249 18.98 -7.64 7.99
CA VAL A 249 17.65 -7.55 7.38
C VAL A 249 16.96 -6.22 7.77
N GLN A 250 16.10 -5.79 6.87
CA GLN A 250 15.41 -4.48 7.05
C GLN A 250 13.95 -4.76 7.40
N LYS A 251 13.31 -3.76 8.07
CA LYS A 251 11.88 -3.88 8.29
C LYS A 251 11.17 -4.02 6.95
N PHE A 252 10.04 -4.72 6.93
CA PHE A 252 9.27 -4.98 5.69
C PHE A 252 7.82 -5.17 6.23
N ASP A 253 7.01 -4.16 6.20
CA ASP A 253 5.67 -4.20 6.86
C ASP A 253 4.65 -3.77 5.82
N GLU A 254 3.51 -4.46 5.87
CA GLU A 254 2.35 -4.21 5.00
C GLU A 254 2.73 -4.45 3.55
N ARG A 255 3.58 -5.47 3.34
CA ARG A 255 4.04 -5.80 2.00
C ARG A 255 4.16 -7.32 1.92
N LEU A 256 4.16 -7.79 0.65
CA LEU A 256 4.18 -9.19 0.43
C LEU A 256 5.45 -9.56 -0.35
N VAL A 257 5.84 -10.82 -0.15
CA VAL A 257 6.77 -11.45 -1.08
C VAL A 257 5.99 -12.51 -1.82
N TYR A 258 6.10 -12.50 -3.14
CA TYR A 258 5.30 -13.35 -4.01
C TYR A 258 6.17 -14.52 -4.24
N THR A 259 5.55 -15.70 -4.35
CA THR A 259 6.29 -16.96 -4.59
C THR A 259 5.77 -17.67 -5.81
N SER A 260 6.68 -18.31 -6.53
CA SER A 260 6.26 -19.06 -7.67
C SER A 260 5.78 -20.43 -7.28
N PHE A 261 5.78 -20.74 -6.01
CA PHE A 261 5.45 -22.08 -5.56
C PHE A 261 4.39 -21.89 -4.51
N SER A 262 3.44 -22.79 -4.45
CA SER A 262 2.61 -22.72 -3.23
C SER A 262 3.10 -23.86 -2.37
N GLN A 263 3.03 -25.05 -2.95
CA GLN A 263 3.42 -26.27 -2.25
C GLN A 263 4.98 -26.29 -2.12
N LYS B 3 12.93 13.75 17.75
CA LYS B 3 11.98 13.50 16.53
C LYS B 3 12.28 12.25 15.69
N TRP B 4 13.27 11.48 16.13
CA TRP B 4 13.53 10.19 15.59
C TRP B 4 12.29 9.35 15.72
N THR B 5 12.21 8.35 14.83
CA THR B 5 11.02 7.49 14.81
C THR B 5 11.49 6.01 14.55
N TYR B 6 10.53 5.12 14.36
CA TYR B 6 10.85 3.79 13.90
C TYR B 6 10.44 3.48 12.43
N PHE B 7 10.00 4.53 11.72
CA PHE B 7 9.36 4.31 10.45
C PHE B 7 9.56 5.56 9.62
N GLY B 8 10.10 5.39 8.42
CA GLY B 8 10.19 6.58 7.51
C GLY B 8 11.54 7.26 7.56
N PRO B 9 11.61 8.53 7.11
CA PRO B 9 12.89 9.17 6.99
C PRO B 9 13.70 9.31 8.18
N ASP B 10 13.05 9.35 9.36
CA ASP B 10 13.67 9.54 10.61
C ASP B 10 13.82 8.20 11.39
N GLY B 11 13.63 7.11 10.63
CA GLY B 11 13.72 5.73 11.22
C GLY B 11 15.17 5.33 11.40
N GLU B 12 15.30 4.07 11.82
CA GLU B 12 16.51 3.64 12.54
C GLU B 12 17.81 3.68 11.71
N ASN B 13 17.67 3.56 10.37
CA ASN B 13 18.89 3.62 9.55
C ASN B 13 19.46 5.08 9.46
N SER B 14 18.63 5.98 9.96
CA SER B 14 19.04 7.46 9.97
C SER B 14 19.38 7.97 11.33
N TRP B 15 19.19 7.18 12.38
CA TRP B 15 19.44 7.73 13.76
C TRP B 15 20.85 8.12 13.91
N SER B 16 21.82 7.48 13.26
CA SER B 16 23.25 7.87 13.41
C SER B 16 23.57 9.30 12.84
N LYS B 17 22.69 9.83 12.02
CA LYS B 17 22.92 11.17 11.43
C LYS B 17 22.88 12.15 12.59
N LYS B 18 22.05 12.02 13.60
CA LYS B 18 21.98 13.01 14.74
C LYS B 18 22.56 12.42 16.03
N TYR B 19 22.72 11.05 16.12
CA TYR B 19 23.10 10.40 17.38
C TYR B 19 24.23 9.51 17.03
N PRO B 20 25.50 9.98 17.06
CA PRO B 20 26.58 9.21 16.54
C PRO B 20 26.73 7.81 17.14
N SER B 21 26.41 7.66 18.45
CA SER B 21 26.66 6.33 19.09
C SER B 21 25.78 5.29 18.43
N CYS B 22 24.67 5.63 17.80
CA CYS B 22 23.80 4.65 17.10
C CYS B 22 24.53 3.99 15.97
N GLY B 23 25.61 4.60 15.42
CA GLY B 23 26.49 4.04 14.42
C GLY B 23 27.76 3.51 15.01
N GLY B 24 27.88 3.38 16.33
CA GLY B 24 29.14 3.00 16.94
C GLY B 24 29.15 1.56 17.37
N LEU B 25 30.02 1.32 18.30
CA LEU B 25 30.16 -0.10 18.74
C LEU B 25 29.16 -0.48 19.81
N LEU B 26 29.06 -1.80 20.05
CA LEU B 26 28.43 -2.36 21.24
C LEU B 26 26.91 -2.16 21.17
N GLN B 27 26.37 -2.15 19.96
CA GLN B 27 24.90 -1.89 19.80
C GLN B 27 23.98 -3.03 20.16
N SER B 28 22.85 -2.65 20.72
CA SER B 28 21.76 -3.57 21.00
C SER B 28 20.54 -3.19 20.17
N PRO B 29 19.57 -4.08 19.96
CA PRO B 29 19.50 -5.54 20.42
C PRO B 29 20.29 -6.42 19.49
N ILE B 30 20.30 -7.70 19.88
CA ILE B 30 21.02 -8.73 19.06
C ILE B 30 20.17 -10.01 19.03
N ASP B 31 20.60 -10.85 18.07
CA ASP B 31 20.01 -12.17 17.93
C ASP B 31 20.83 -13.12 18.84
N LEU B 32 20.08 -13.75 19.73
CA LEU B 32 20.73 -14.76 20.66
C LEU B 32 20.71 -16.13 19.97
N HIS B 33 21.89 -16.58 19.52
CA HIS B 33 21.97 -17.83 18.77
C HIS B 33 23.25 -18.55 19.19
N SER B 34 23.19 -19.89 18.92
CA SER B 34 24.20 -20.77 19.53
C SER B 34 25.61 -20.36 19.25
N ASP B 35 25.95 -19.86 18.05
CA ASP B 35 27.36 -19.65 17.75
C ASP B 35 28.04 -18.64 18.63
N ILE B 36 27.23 -17.79 19.28
CA ILE B 36 27.81 -16.70 20.02
C ILE B 36 27.55 -16.80 21.54
N LEU B 37 26.98 -17.92 21.92
CA LEU B 37 26.57 -18.16 23.42
C LEU B 37 27.70 -18.93 24.05
N GLN B 38 27.98 -18.63 25.31
CA GLN B 38 29.01 -19.43 26.06
C GLN B 38 28.58 -19.42 27.52
N TYR B 39 28.49 -20.60 28.06
CA TYR B 39 28.09 -20.71 29.47
C TYR B 39 29.17 -20.09 30.36
N ASP B 40 28.71 -19.42 31.41
CA ASP B 40 29.58 -18.80 32.42
C ASP B 40 29.06 -19.13 33.76
N ALA B 41 29.72 -20.04 34.52
CA ALA B 41 29.21 -20.48 35.81
C ALA B 41 29.27 -19.35 36.88
N SER B 42 29.98 -18.26 36.62
CA SER B 42 29.99 -17.18 37.58
C SER B 42 28.72 -16.24 37.50
N LEU B 43 27.84 -16.51 36.55
CA LEU B 43 26.55 -15.72 36.46
C LEU B 43 25.56 -16.30 37.41
N THR B 44 25.76 -15.83 38.66
CA THR B 44 24.92 -16.31 39.76
C THR B 44 23.55 -15.61 39.80
N PRO B 45 22.57 -16.07 40.56
CA PRO B 45 21.23 -15.48 40.51
C PRO B 45 21.14 -14.04 41.00
N LEU B 46 20.34 -13.25 40.26
CA LEU B 46 20.08 -11.87 40.76
C LEU B 46 18.97 -11.97 41.82
N GLU B 47 19.04 -11.00 42.71
CA GLU B 47 17.94 -10.83 43.68
C GLU B 47 17.23 -9.42 43.42
N PHE B 48 15.94 -9.47 43.53
CA PHE B 48 15.06 -8.27 43.19
C PHE B 48 14.51 -7.72 44.51
N GLN B 49 15.08 -6.59 44.85
CA GLN B 49 14.78 -6.01 46.16
C GLN B 49 13.88 -4.76 46.01
N GLY B 50 12.88 -4.65 46.86
CA GLY B 50 11.98 -3.46 46.77
C GLY B 50 11.13 -3.43 45.51
N TYR B 51 11.02 -4.59 44.82
CA TYR B 51 10.09 -4.70 43.66
C TYR B 51 8.58 -4.72 44.02
N ASN B 52 8.25 -5.10 45.27
CA ASN B 52 6.81 -5.20 45.69
C ASN B 52 6.30 -3.83 46.12
N LEU B 53 5.94 -3.05 45.13
CA LEU B 53 5.65 -1.63 45.41
C LEU B 53 4.21 -1.59 46.15
N SER B 54 4.17 -0.68 47.15
CA SER B 54 2.93 -0.48 47.90
C SER B 54 1.72 -0.16 47.00
N ALA B 55 0.61 -0.92 47.10
CA ALA B 55 -0.61 -0.61 46.36
C ALA B 55 -1.25 0.65 46.86
N ASN B 56 -0.76 1.19 48.00
CA ASN B 56 -1.34 2.44 48.50
C ASN B 56 -0.59 3.61 47.96
N LYS B 57 0.55 3.42 47.29
CA LYS B 57 1.31 4.45 46.64
C LYS B 57 1.02 4.37 45.13
N GLN B 58 1.40 5.39 44.42
CA GLN B 58 1.11 5.44 42.97
C GLN B 58 2.35 5.95 42.24
N PHE B 59 2.49 5.45 41.01
CA PHE B 59 3.68 5.64 40.19
C PHE B 59 3.30 6.15 38.82
N LEU B 60 4.11 7.10 38.39
CA LEU B 60 3.71 7.84 37.20
C LEU B 60 3.96 7.06 35.88
N LEU B 61 2.93 6.91 35.07
CA LEU B 61 2.98 6.37 33.74
C LEU B 61 2.94 7.50 32.74
N THR B 62 3.77 7.43 31.70
CA THR B 62 3.91 8.58 30.79
C THR B 62 4.12 7.98 29.38
N ASN B 63 3.47 8.59 28.42
CA ASN B 63 3.79 8.36 27.00
C ASN B 63 4.78 9.36 26.61
N ASN B 64 5.94 8.87 26.21
CA ASN B 64 7.06 9.84 25.93
C ASN B 64 7.26 10.03 24.39
N GLY B 65 6.25 9.62 23.62
CA GLY B 65 6.38 9.75 22.14
C GLY B 65 7.04 8.59 21.48
N HIS B 66 7.63 7.66 22.25
CA HIS B 66 8.40 6.44 21.70
C HIS B 66 7.98 5.16 22.33
N SER B 67 7.53 5.21 23.59
CA SER B 67 7.00 4.00 24.31
C SER B 67 6.11 4.48 25.42
N VAL B 68 5.61 3.54 26.21
CA VAL B 68 4.90 3.95 27.41
C VAL B 68 5.88 3.55 28.54
N LYS B 69 6.12 4.47 29.48
CA LYS B 69 7.09 4.18 30.62
C LYS B 69 6.41 4.39 31.95
N LEU B 70 6.79 3.56 32.90
CA LEU B 70 6.34 3.65 34.29
C LEU B 70 7.57 4.03 35.06
N ASN B 71 7.52 5.16 35.81
CA ASN B 71 8.65 5.57 36.72
C ASN B 71 8.64 4.64 37.93
N LEU B 72 9.86 4.36 38.39
CA LEU B 72 10.03 3.40 39.48
C LEU B 72 10.90 4.09 40.55
N PRO B 73 10.71 3.68 41.80
CA PRO B 73 11.42 4.35 42.91
C PRO B 73 12.82 3.82 43.09
N SER B 74 13.73 4.70 43.53
CA SER B 74 15.14 4.29 43.63
C SER B 74 15.40 3.29 44.75
N ASP B 75 14.44 3.05 45.64
CA ASP B 75 14.64 2.00 46.68
C ASP B 75 14.50 0.61 46.08
N MET B 76 13.91 0.51 44.90
CA MET B 76 13.85 -0.76 44.13
C MET B 76 15.21 -1.03 43.46
N HIS B 77 15.78 -2.21 43.66
CA HIS B 77 17.13 -2.42 43.11
C HIS B 77 17.42 -3.88 42.87
N ILE B 78 18.50 -4.06 42.11
CA ILE B 78 18.99 -5.44 41.91
C ILE B 78 20.17 -5.67 42.85
N GLN B 79 20.19 -6.84 43.49
CA GLN B 79 21.33 -7.28 44.33
C GLN B 79 21.95 -8.45 43.51
N GLY B 80 23.26 -8.45 43.45
CA GLY B 80 23.99 -9.56 42.79
C GLY B 80 24.92 -9.11 41.70
N LEU B 81 24.80 -7.89 41.16
CA LEU B 81 25.82 -7.33 40.26
C LEU B 81 26.99 -6.77 41.01
N GLN B 82 27.94 -6.14 40.33
CA GLN B 82 29.12 -5.73 41.12
C GLN B 82 29.00 -4.35 41.76
N SER B 83 27.88 -3.62 41.46
CA SER B 83 27.42 -2.40 42.17
C SER B 83 25.94 -2.60 42.35
N ARG B 84 25.32 -1.88 43.28
CA ARG B 84 23.88 -1.83 43.36
C ARG B 84 23.36 -1.04 42.12
N TYR B 85 22.36 -1.63 41.46
CA TYR B 85 21.65 -0.87 40.38
C TYR B 85 20.27 -0.65 40.83
N SER B 86 19.92 0.63 40.87
CA SER B 86 18.59 0.98 41.37
C SER B 86 17.66 1.28 40.14
N ALA B 87 16.41 0.94 40.33
CA ALA B 87 15.43 1.11 39.22
C ALA B 87 15.24 2.58 38.90
N THR B 88 14.90 2.85 37.62
CA THR B 88 14.40 4.15 37.25
C THR B 88 13.12 4.15 36.48
N GLN B 89 12.94 3.17 35.55
CA GLN B 89 11.69 3.16 34.82
C GLN B 89 11.57 1.77 34.13
N LEU B 90 10.38 1.39 33.78
CA LEU B 90 10.20 0.27 32.84
C LEU B 90 9.36 0.74 31.65
N HIS B 91 9.48 0.03 30.52
CA HIS B 91 8.73 0.38 29.27
C HIS B 91 8.70 -0.91 28.41
N LEU B 92 8.03 -0.76 27.27
CA LEU B 92 7.89 -1.92 26.40
C LEU B 92 8.18 -1.56 24.96
N HIS B 93 8.36 -2.62 24.20
CA HIS B 93 8.46 -2.58 22.67
C HIS B 93 7.56 -3.54 22.07
N TRP B 94 6.91 -3.22 20.97
CA TRP B 94 5.90 -4.18 20.41
C TRP B 94 5.75 -3.89 18.93
N GLY B 95 4.91 -4.74 18.32
CA GLY B 95 4.75 -4.70 16.81
C GLY B 95 3.43 -4.05 16.49
N ASN B 96 2.49 -4.71 15.82
CA ASN B 96 1.22 -4.04 15.48
C ASN B 96 0.14 -5.10 15.33
N PRO B 97 -1.12 -4.70 15.24
CA PRO B 97 -2.18 -5.68 15.30
C PRO B 97 -2.11 -6.74 14.26
N ASN B 98 -1.57 -6.45 13.10
CA ASN B 98 -1.55 -7.43 11.97
C ASN B 98 -0.25 -8.18 11.96
N ASP B 99 0.69 -7.85 12.86
CA ASP B 99 2.00 -8.55 12.87
C ASP B 99 2.45 -8.39 14.35
N PRO B 100 1.95 -9.18 15.28
CA PRO B 100 2.32 -9.07 16.71
C PRO B 100 3.68 -9.73 17.02
N HIS B 101 4.74 -9.20 16.47
CA HIS B 101 6.11 -9.76 16.54
C HIS B 101 7.15 -8.70 16.69
N GLY B 102 7.13 -8.03 17.82
CA GLY B 102 7.84 -6.81 17.98
C GLY B 102 8.80 -6.82 19.17
N SER B 103 9.34 -8.00 19.59
CA SER B 103 10.44 -7.95 20.55
C SER B 103 11.69 -7.30 19.87
N GLU B 104 12.59 -6.82 20.69
CA GLU B 104 13.84 -6.32 20.20
C GLU B 104 14.91 -7.40 20.05
N HIS B 105 15.23 -8.07 21.16
CA HIS B 105 16.05 -9.30 21.04
C HIS B 105 15.24 -10.41 20.29
N THR B 106 16.03 -11.23 19.58
CA THR B 106 15.44 -12.45 18.93
C THR B 106 16.25 -13.58 19.46
N VAL B 107 15.58 -14.77 19.36
CA VAL B 107 16.27 -16.00 19.79
C VAL B 107 16.23 -16.98 18.63
N SER B 108 17.44 -17.33 18.22
CA SER B 108 17.61 -18.20 16.99
C SER B 108 16.75 -17.66 15.84
N GLY B 109 16.86 -16.36 15.63
CA GLY B 109 16.21 -15.75 14.51
C GLY B 109 14.72 -15.41 14.65
N GLN B 110 14.13 -15.75 15.78
CA GLN B 110 12.68 -15.54 15.94
C GLN B 110 12.36 -14.40 16.92
N HIS B 111 11.47 -13.50 16.43
CA HIS B 111 10.88 -12.50 17.32
C HIS B 111 9.85 -13.06 18.24
N PHE B 112 9.78 -12.56 19.45
CA PHE B 112 8.71 -12.72 20.33
C PHE B 112 7.65 -11.61 20.12
N ALA B 113 6.48 -11.66 20.73
CA ALA B 113 5.45 -10.68 20.48
C ALA B 113 5.87 -9.32 20.91
N ALA B 114 6.54 -9.24 22.07
CA ALA B 114 6.84 -7.89 22.63
C ALA B 114 7.98 -8.10 23.61
N GLU B 115 8.46 -7.00 24.23
CA GLU B 115 9.55 -7.07 25.18
C GLU B 115 9.44 -6.02 26.22
N LEU B 116 9.69 -6.35 27.46
CA LEU B 116 9.67 -5.42 28.60
C LEU B 116 11.09 -5.14 29.01
N HIS B 117 11.45 -3.86 29.17
CA HIS B 117 12.77 -3.45 29.73
C HIS B 117 12.54 -2.76 31.04
N ILE B 118 13.27 -3.29 32.08
CA ILE B 118 13.26 -2.61 33.38
C ILE B 118 14.64 -2.00 33.58
N VAL B 119 14.74 -0.66 33.44
CA VAL B 119 16.00 0.08 33.36
C VAL B 119 16.44 0.45 34.78
N HIS B 120 17.69 0.13 35.07
CA HIS B 120 18.33 0.44 36.41
C HIS B 120 19.62 1.21 36.07
N TYR B 121 20.05 2.03 37.04
CA TYR B 121 21.31 2.73 36.90
C TYR B 121 22.20 2.47 38.15
N ASN B 122 23.53 2.63 37.99
CA ASN B 122 24.44 2.35 39.11
C ASN B 122 24.35 3.53 40.15
N SER B 123 23.47 3.36 41.15
CA SER B 123 23.25 4.39 42.19
C SER B 123 24.45 4.48 43.18
N ASP B 124 25.33 3.50 43.18
CA ASP B 124 26.55 3.53 44.05
C ASP B 124 27.46 4.62 43.58
N LEU B 125 27.43 4.89 42.28
CA LEU B 125 28.35 5.82 41.55
C LEU B 125 27.64 7.06 41.02
N TYR B 126 26.33 6.97 40.73
CA TYR B 126 25.67 8.13 40.05
C TYR B 126 24.39 8.56 40.72
N PRO B 127 24.09 9.87 40.65
CA PRO B 127 22.95 10.50 41.26
C PRO B 127 21.59 10.20 40.58
N ASP B 128 21.61 9.73 39.31
CA ASP B 128 20.37 9.56 38.58
C ASP B 128 20.72 8.81 37.31
N ALA B 129 19.71 8.30 36.61
CA ALA B 129 19.92 7.56 35.38
C ALA B 129 20.45 8.34 34.21
N SER B 130 20.06 9.62 34.20
N SER B 130 20.08 9.61 34.06
CA SER B 130 20.40 10.58 33.13
CA SER B 130 20.59 10.37 32.90
C SER B 130 21.90 10.79 33.05
C SER B 130 22.11 10.52 33.05
N THR B 131 22.54 10.94 34.22
CA THR B 131 23.98 11.04 34.42
C THR B 131 24.69 9.76 34.18
N ALA B 132 24.14 8.60 34.64
CA ALA B 132 24.73 7.27 34.45
C ALA B 132 24.83 6.89 32.96
N SER B 133 23.93 7.45 32.14
CA SER B 133 23.60 6.88 30.79
C SER B 133 24.78 7.02 29.87
N ASN B 134 25.59 8.06 30.07
CA ASN B 134 26.78 8.12 29.21
C ASN B 134 28.06 7.74 29.93
N LYS B 135 28.01 6.81 30.89
CA LYS B 135 29.19 6.35 31.69
C LYS B 135 29.35 4.85 31.79
N SER B 136 30.59 4.39 32.06
CA SER B 136 31.00 2.97 31.84
C SER B 136 30.13 2.00 32.68
N GLU B 137 29.40 1.01 32.11
CA GLU B 137 28.49 0.13 32.91
C GLU B 137 27.52 0.91 33.83
N GLY B 138 27.16 2.14 33.42
CA GLY B 138 26.22 3.00 34.11
C GLY B 138 24.80 2.45 34.24
N LEU B 139 24.36 1.64 33.29
CA LEU B 139 22.96 1.14 33.24
C LEU B 139 22.94 -0.37 33.27
N ALA B 140 21.88 -0.95 33.78
CA ALA B 140 21.68 -2.38 33.67
C ALA B 140 20.19 -2.50 33.40
N VAL B 141 19.88 -3.26 32.33
CA VAL B 141 18.49 -3.49 31.96
C VAL B 141 18.14 -4.95 32.18
N LEU B 142 16.96 -5.21 32.73
CA LEU B 142 16.43 -6.55 32.75
C LEU B 142 15.43 -6.61 31.61
N ALA B 143 15.58 -7.60 30.69
CA ALA B 143 14.67 -7.75 29.56
C ALA B 143 13.86 -8.99 29.69
N VAL B 144 12.52 -8.85 29.49
CA VAL B 144 11.61 -10.03 29.51
C VAL B 144 11.02 -10.13 28.13
N LEU B 145 11.16 -11.34 27.54
CA LEU B 145 10.56 -11.63 26.23
C LEU B 145 9.08 -11.95 26.49
N ILE B 146 8.16 -11.48 25.66
CA ILE B 146 6.74 -11.62 25.90
C ILE B 146 6.19 -12.34 24.67
N GLU B 147 5.46 -13.44 24.94
CA GLU B 147 4.84 -14.21 23.89
C GLU B 147 3.29 -14.15 24.01
N MET B 148 2.60 -14.31 22.93
CA MET B 148 1.19 -14.43 22.95
C MET B 148 0.76 -15.77 23.57
N GLY B 149 -0.09 -15.61 24.61
CA GLY B 149 -0.50 -16.79 25.39
C GLY B 149 -1.69 -16.42 26.22
N SER B 150 -1.61 -16.87 27.48
CA SER B 150 -2.64 -16.59 28.45
C SER B 150 -2.67 -15.13 28.87
N PHE B 151 -3.89 -14.75 29.25
CA PHE B 151 -4.08 -13.41 29.88
C PHE B 151 -3.18 -13.33 31.09
N ASN B 152 -2.59 -12.10 31.34
CA ASN B 152 -1.65 -11.92 32.39
C ASN B 152 -2.16 -10.78 33.32
N PRO B 153 -2.69 -11.05 34.49
CA PRO B 153 -3.26 -10.04 35.37
C PRO B 153 -2.18 -9.06 35.74
N SER B 154 -0.95 -9.49 35.96
CA SER B 154 0.06 -8.51 36.42
C SER B 154 0.39 -7.50 35.35
N TYR B 155 0.59 -7.93 34.07
CA TYR B 155 0.83 -6.92 33.02
C TYR B 155 -0.39 -6.04 32.88
N ASP B 156 -1.54 -6.51 33.17
CA ASP B 156 -2.77 -5.73 33.02
C ASP B 156 -2.77 -4.58 34.03
N LYS B 157 -1.98 -4.66 35.13
CA LYS B 157 -1.98 -3.50 36.08
C LYS B 157 -1.34 -2.37 35.33
N ILE B 158 -0.58 -2.60 34.27
CA ILE B 158 -0.05 -1.44 33.42
C ILE B 158 -1.02 -1.21 32.29
N PHE B 159 -1.51 -2.24 31.55
CA PHE B 159 -2.23 -2.01 30.36
C PHE B 159 -3.58 -1.43 30.64
N SER B 160 -4.10 -1.62 31.82
CA SER B 160 -5.52 -1.12 32.03
C SER B 160 -5.46 0.40 32.08
N HIS B 161 -4.27 1.04 32.11
CA HIS B 161 -4.16 2.53 32.14
C HIS B 161 -3.85 3.15 30.81
N LEU B 162 -3.73 2.36 29.74
CA LEU B 162 -3.19 2.86 28.48
C LEU B 162 -4.08 3.92 27.90
N GLN B 163 -5.42 3.79 28.04
CA GLN B 163 -6.30 4.80 27.38
C GLN B 163 -6.20 6.19 28.07
N HIS B 164 -5.41 6.31 29.09
N HIS B 164 -5.53 6.29 29.23
CA HIS B 164 -5.22 7.55 29.77
CA HIS B 164 -5.20 7.56 29.93
C HIS B 164 -3.82 8.18 29.52
C HIS B 164 -3.89 8.22 29.46
N VAL B 165 -3.07 7.47 28.67
CA VAL B 165 -1.76 7.96 28.22
C VAL B 165 -1.68 7.78 26.71
N LYS B 166 -2.76 7.92 25.93
N LYS B 166 -3.07 8.15 26.44
CA LYS B 166 -2.74 7.65 24.47
CA LYS B 166 -3.18 7.86 25.10
C LYS B 166 -1.76 8.57 23.75
C LYS B 166 -2.19 8.66 24.19
N TYR B 167 -1.60 9.82 24.27
CA TYR B 167 -0.87 10.73 23.44
C TYR B 167 0.45 11.17 24.12
N LYS B 168 1.42 11.62 23.31
CA LYS B 168 2.68 12.11 23.80
C LYS B 168 2.46 13.19 24.84
N GLY B 169 3.18 12.99 25.94
CA GLY B 169 3.15 13.93 27.05
C GLY B 169 2.14 13.70 28.11
N GLN B 170 1.18 12.80 27.84
CA GLN B 170 0.18 12.51 28.83
C GLN B 170 0.79 11.66 29.94
N GLU B 171 0.19 11.82 31.10
CA GLU B 171 0.67 11.15 32.35
C GLU B 171 -0.56 10.59 33.11
N ALA B 172 -0.39 9.45 33.79
CA ALA B 172 -1.42 8.79 34.55
C ALA B 172 -0.68 8.17 35.76
N PHE B 173 -1.39 7.87 36.82
CA PHE B 173 -0.86 7.17 38.02
C PHE B 173 -1.37 5.75 38.14
N VAL B 174 -0.42 4.88 38.39
CA VAL B 174 -0.66 3.44 38.47
C VAL B 174 -0.40 3.08 39.92
N PRO B 175 -1.43 2.43 40.58
CA PRO B 175 -1.14 1.96 41.96
C PRO B 175 0.05 0.96 41.97
N GLY B 176 0.80 0.94 43.03
CA GLY B 176 1.95 0.02 43.12
C GLY B 176 1.44 -1.38 43.12
N PHE B 177 2.34 -2.21 42.53
CA PHE B 177 2.07 -3.67 42.52
C PHE B 177 3.47 -4.29 42.53
N ASN B 178 3.43 -5.62 42.63
CA ASN B 178 4.69 -6.33 42.70
C ASN B 178 5.30 -6.55 41.27
N ILE B 179 6.30 -5.71 41.01
CA ILE B 179 6.98 -5.70 39.63
C ILE B 179 7.59 -7.08 39.39
N GLU B 180 7.99 -7.82 40.46
CA GLU B 180 8.56 -9.14 40.18
C GLU B 180 7.53 -10.00 39.52
N GLU B 181 6.20 -9.75 39.62
CA GLU B 181 5.26 -10.55 38.90
C GLU B 181 5.35 -10.42 37.38
N LEU B 182 6.07 -9.42 36.89
CA LEU B 182 6.23 -9.28 35.44
C LEU B 182 7.39 -10.13 34.95
N LEU B 183 8.25 -10.65 35.82
CA LEU B 183 9.39 -11.54 35.40
C LEU B 183 8.89 -13.00 35.24
N PRO B 184 9.68 -13.71 34.37
CA PRO B 184 9.26 -15.09 34.08
C PRO B 184 9.75 -16.03 35.12
N GLU B 185 9.42 -17.29 34.78
CA GLU B 185 9.91 -18.46 35.58
C GLU B 185 11.40 -18.60 35.47
N ARG B 186 12.05 -19.00 36.60
CA ARG B 186 13.43 -19.39 36.61
C ARG B 186 14.30 -18.21 36.18
N THR B 187 14.14 -17.15 36.89
CA THR B 187 14.97 -16.01 36.61
C THR B 187 16.46 -16.29 36.73
N ALA B 188 16.90 -17.37 37.41
CA ALA B 188 18.28 -17.68 37.42
C ALA B 188 18.88 -17.97 36.08
N GLU B 189 18.01 -18.33 35.09
N GLU B 189 17.99 -18.27 35.10
CA GLU B 189 18.59 -18.62 33.73
CA GLU B 189 18.46 -18.65 33.75
C GLU B 189 18.41 -17.34 32.91
C GLU B 189 18.37 -17.40 32.82
N TYR B 190 19.53 -16.84 32.47
CA TYR B 190 19.53 -15.58 31.66
C TYR B 190 20.74 -15.56 30.77
N TYR B 191 20.65 -14.62 29.80
CA TYR B 191 21.73 -14.26 28.90
C TYR B 191 22.28 -12.93 29.36
N ARG B 192 23.58 -12.72 29.30
CA ARG B 192 24.24 -11.51 29.72
C ARG B 192 25.20 -11.03 28.71
N TYR B 193 25.18 -9.75 28.42
CA TYR B 193 26.11 -9.19 27.49
C TYR B 193 26.27 -7.70 27.62
N ARG B 194 27.36 -7.15 27.05
CA ARG B 194 27.57 -5.72 27.15
C ARG B 194 27.06 -5.11 25.87
N GLY B 195 26.13 -4.14 25.97
CA GLY B 195 25.55 -3.50 24.78
C GLY B 195 25.18 -2.04 25.07
N SER B 196 24.06 -1.65 24.47
CA SER B 196 23.76 -0.25 24.39
C SER B 196 22.26 -0.01 24.68
N LEU B 197 21.94 1.28 24.80
CA LEU B 197 20.47 1.63 24.67
C LEU B 197 20.05 1.27 23.26
N THR B 198 18.79 0.75 23.20
CA THR B 198 18.25 0.38 21.87
C THR B 198 17.57 1.47 21.17
N THR B 199 17.53 2.69 21.87
CA THR B 199 16.90 3.95 21.30
C THR B 199 18.04 4.97 21.30
N PRO B 200 17.89 5.99 20.45
CA PRO B 200 18.74 7.18 20.59
C PRO B 200 18.77 7.67 22.04
N PRO B 201 19.95 8.08 22.53
CA PRO B 201 21.22 8.24 21.80
C PRO B 201 22.12 7.03 21.69
N CYS B 202 21.55 5.84 22.01
CA CYS B 202 22.19 4.48 21.74
C CYS B 202 23.58 4.35 22.48
N ASN B 203 23.64 4.94 23.67
N ASN B 203 23.72 5.04 23.64
CA ASN B 203 24.81 4.87 24.52
CA ASN B 203 24.99 4.95 24.37
C ASN B 203 25.30 3.49 24.84
C ASN B 203 25.35 3.53 24.62
N PRO B 204 26.59 3.15 24.51
CA PRO B 204 27.05 1.74 24.78
C PRO B 204 27.40 1.45 26.21
N THR B 205 26.46 1.73 27.10
CA THR B 205 26.71 1.74 28.51
C THR B 205 25.81 0.84 29.30
N VAL B 206 25.20 -0.13 28.59
CA VAL B 206 24.32 -1.08 29.24
C VAL B 206 24.79 -2.55 29.48
N LEU B 207 24.68 -2.98 30.69
CA LEU B 207 24.81 -4.41 31.02
C LEU B 207 23.41 -5.04 30.83
N TRP B 208 23.25 -5.81 29.77
CA TRP B 208 22.04 -6.55 29.46
C TRP B 208 21.83 -7.86 30.18
N THR B 209 20.69 -8.03 30.79
CA THR B 209 20.28 -9.39 31.23
C THR B 209 19.00 -9.71 30.55
N VAL B 210 18.97 -10.72 29.70
CA VAL B 210 17.76 -11.15 29.04
C VAL B 210 17.31 -12.44 29.64
N PHE B 211 16.22 -12.49 30.33
CA PHE B 211 15.83 -13.81 30.83
C PHE B 211 15.58 -14.86 29.78
N ARG B 212 15.94 -16.13 30.08
CA ARG B 212 15.78 -17.20 29.11
C ARG B 212 14.31 -17.54 28.77
N ASN B 213 13.45 -17.45 29.79
CA ASN B 213 12.08 -17.86 29.60
C ASN B 213 11.18 -16.65 29.35
N PRO B 214 10.32 -16.72 28.37
CA PRO B 214 9.30 -15.68 28.18
C PRO B 214 8.21 -15.72 29.20
N VAL B 215 7.45 -14.65 29.24
CA VAL B 215 6.15 -14.59 29.88
C VAL B 215 5.07 -14.56 28.83
N GLN B 216 3.83 -14.82 29.16
CA GLN B 216 2.71 -14.68 28.22
C GLN B 216 1.77 -13.58 28.58
N ILE B 217 1.28 -12.89 27.54
CA ILE B 217 0.10 -12.03 27.71
C ILE B 217 -0.90 -12.46 26.61
N SER B 218 -2.16 -12.06 26.68
CA SER B 218 -3.06 -12.59 25.67
C SER B 218 -3.05 -11.85 24.42
N GLN B 219 -3.67 -12.33 23.37
CA GLN B 219 -3.89 -11.62 22.12
C GLN B 219 -4.66 -10.29 22.39
N GLU B 220 -5.61 -10.31 23.27
CA GLU B 220 -6.40 -9.07 23.57
C GLU B 220 -5.55 -8.03 24.22
N GLN B 221 -4.63 -8.49 25.07
CA GLN B 221 -3.74 -7.53 25.77
C GLN B 221 -2.73 -7.00 24.78
N LEU B 222 -2.19 -7.80 23.89
CA LEU B 222 -1.33 -7.30 22.84
C LEU B 222 -2.15 -6.31 21.98
N LEU B 223 -3.38 -6.60 21.57
CA LEU B 223 -4.14 -5.70 20.67
C LEU B 223 -4.32 -4.40 21.41
N ALA B 224 -4.65 -4.45 22.70
CA ALA B 224 -4.84 -3.16 23.42
C ALA B 224 -3.53 -2.38 23.35
N LEU B 225 -2.37 -2.98 23.65
CA LEU B 225 -1.10 -2.27 23.63
C LEU B 225 -0.77 -1.74 22.28
N GLU B 226 -1.11 -2.44 21.21
CA GLU B 226 -0.79 -2.10 19.85
C GLU B 226 -1.79 -1.04 19.24
N THR B 227 -2.88 -0.81 19.93
CA THR B 227 -3.86 0.14 19.36
C THR B 227 -4.10 1.30 20.26
N ALA B 228 -3.60 1.35 21.46
CA ALA B 228 -4.05 2.39 22.44
C ALA B 228 -3.27 3.69 22.16
N LEU B 229 -2.07 3.63 21.64
CA LEU B 229 -1.10 4.72 21.84
C LEU B 229 -0.64 5.30 20.55
N TYR B 230 -0.34 6.60 20.70
CA TYR B 230 0.17 7.50 19.61
C TYR B 230 1.51 8.07 19.96
N CYS B 231 2.39 8.24 18.98
CA CYS B 231 3.68 8.90 19.19
C CYS B 231 3.50 10.44 19.35
N THR B 232 2.38 10.90 18.85
CA THR B 232 2.21 12.37 18.65
C THR B 232 1.30 12.90 19.79
N HIS B 233 1.34 14.27 19.93
CA HIS B 233 0.42 14.92 20.85
C HIS B 233 -1.07 14.85 20.48
N MET B 234 -1.95 14.98 21.48
N MET B 234 -1.99 15.04 21.44
CA MET B 234 -3.38 14.96 21.29
CA MET B 234 -3.42 14.92 21.21
C MET B 234 -3.80 15.82 20.07
C MET B 234 -3.96 15.91 20.18
N ASP B 235 -3.25 17.02 20.00
CA ASP B 235 -3.71 17.99 18.98
C ASP B 235 -2.90 18.01 17.73
N ASP B 236 -2.13 16.96 17.42
CA ASP B 236 -1.28 16.97 16.27
C ASP B 236 -2.09 16.67 15.00
N PRO B 237 -2.06 17.52 13.96
CA PRO B 237 -2.80 17.23 12.74
C PRO B 237 -2.26 16.09 11.88
N SER B 238 -1.09 15.55 12.27
N SER B 238 -1.07 15.54 12.19
CA SER B 238 -0.47 14.44 11.54
CA SER B 238 -0.55 14.32 11.51
C SER B 238 -0.21 13.26 12.46
C SER B 238 -0.23 13.30 12.60
N PRO B 239 -1.29 12.65 13.01
CA PRO B 239 -1.08 11.61 14.06
C PRO B 239 -0.25 10.45 13.53
N ARG B 240 0.55 9.90 14.47
CA ARG B 240 1.31 8.66 14.14
C ARG B 240 1.06 7.61 15.24
N GLU B 241 0.52 6.45 14.87
CA GLU B 241 0.34 5.36 15.83
C GLU B 241 1.71 4.88 16.38
N MET B 242 1.66 4.57 17.69
CA MET B 242 2.90 3.98 18.32
C MET B 242 2.82 2.43 18.18
N ILE B 243 3.43 2.04 17.08
CA ILE B 243 3.47 0.64 16.63
C ILE B 243 4.87 0.35 16.13
N ASN B 244 5.25 -0.95 16.17
CA ASN B 244 6.56 -1.31 15.60
C ASN B 244 7.73 -0.52 16.11
N ASN B 245 7.68 -0.35 17.45
CA ASN B 245 8.68 0.49 18.13
C ASN B 245 9.79 -0.43 18.72
N PHE B 246 10.40 -1.18 17.80
CA PHE B 246 11.54 -2.01 18.10
C PHE B 246 12.60 -1.79 17.09
N ARG B 247 13.86 -1.86 17.52
CA ARG B 247 15.00 -1.75 16.58
C ARG B 247 15.35 -3.11 16.00
N GLN B 248 15.85 -3.16 14.76
CA GLN B 248 16.38 -4.41 14.18
C GLN B 248 17.59 -4.88 14.92
N VAL B 249 17.89 -6.17 14.91
CA VAL B 249 19.09 -6.66 15.58
C VAL B 249 20.36 -6.14 14.92
N GLN B 250 21.40 -6.07 15.71
CA GLN B 250 22.65 -5.47 15.30
C GLN B 250 23.76 -6.48 15.07
N LYS B 251 24.76 -6.11 14.28
CA LYS B 251 25.91 -6.98 14.13
C LYS B 251 26.57 -7.21 15.52
N PHE B 252 27.04 -8.41 15.74
CA PHE B 252 27.63 -8.72 17.02
C PHE B 252 29.12 -8.76 16.86
N ASP B 253 29.61 -7.63 16.56
CA ASP B 253 30.99 -7.69 16.06
C ASP B 253 32.14 -8.02 17.01
N GLU B 254 32.21 -9.33 17.20
CA GLU B 254 33.17 -10.00 18.05
C GLU B 254 32.76 -10.26 19.49
N ARG B 255 31.64 -9.67 19.89
CA ARG B 255 31.09 -9.94 21.17
C ARG B 255 30.61 -11.53 21.32
N LEU B 256 30.77 -12.10 22.53
CA LEU B 256 30.03 -13.25 22.99
C LEU B 256 28.88 -12.84 24.00
N VAL B 257 27.84 -13.66 24.04
CA VAL B 257 26.80 -13.58 25.00
C VAL B 257 27.02 -14.73 25.97
N TYR B 258 27.01 -14.40 27.27
CA TYR B 258 27.25 -15.41 28.32
C TYR B 258 25.99 -15.86 28.94
N THR B 259 25.82 -17.18 29.14
CA THR B 259 24.61 -17.71 29.65
C THR B 259 24.80 -18.29 31.06
N SER B 260 23.82 -18.13 31.91
CA SER B 260 23.91 -18.70 33.28
C SER B 260 23.39 -20.14 33.28
N PHE B 261 22.98 -20.69 32.11
CA PHE B 261 22.48 -22.05 31.97
C PHE B 261 23.40 -22.72 30.93
N SER B 262 23.64 -24.01 31.14
CA SER B 262 24.64 -24.59 30.25
C SER B 262 23.93 -25.02 28.99
N GLN B 263 22.79 -25.70 29.25
CA GLN B 263 21.89 -26.38 28.32
C GLN B 263 20.46 -26.03 28.72
N LYS C 3 -2.19 17.14 -21.28
N LYS C 3 -3.03 17.81 -21.83
CA LYS C 3 -3.04 18.21 -20.60
CA LYS C 3 -2.39 17.26 -20.59
C LYS C 3 -4.34 17.70 -19.95
C LYS C 3 -3.47 16.72 -19.66
N TRP C 4 -4.66 16.44 -20.22
CA TRP C 4 -5.65 15.76 -19.42
C TRP C 4 -5.13 14.35 -19.05
N THR C 5 -5.59 13.87 -17.90
CA THR C 5 -5.20 12.56 -17.47
C THR C 5 -6.36 11.79 -16.81
N TYR C 6 -6.09 10.59 -16.33
CA TYR C 6 -7.06 9.86 -15.46
C TYR C 6 -6.78 9.93 -13.94
N PHE C 7 -5.96 10.90 -13.48
CA PHE C 7 -5.68 11.02 -11.99
C PHE C 7 -5.39 12.47 -11.46
N GLY C 8 -4.69 12.58 -10.32
CA GLY C 8 -4.22 13.88 -9.75
C GLY C 8 -5.22 15.03 -9.95
N PRO C 9 -4.74 16.25 -10.21
CA PRO C 9 -5.74 17.30 -10.44
C PRO C 9 -6.17 17.47 -11.87
N ASP C 10 -5.62 16.70 -12.83
CA ASP C 10 -6.00 16.88 -14.25
C ASP C 10 -6.90 15.76 -14.74
N GLY C 11 -7.35 14.93 -13.76
CA GLY C 11 -8.28 13.80 -13.95
C GLY C 11 -9.73 14.20 -14.31
N GLU C 12 -10.51 13.07 -14.37
CA GLU C 12 -11.82 13.21 -15.06
C GLU C 12 -12.75 14.24 -14.41
N ASN C 13 -12.69 14.47 -13.11
CA ASN C 13 -13.56 15.41 -12.52
C ASN C 13 -13.26 16.88 -12.94
N SER C 14 -12.01 17.03 -13.44
N SER C 14 -12.03 17.13 -13.44
CA SER C 14 -11.52 18.36 -13.85
CA SER C 14 -11.72 18.54 -13.89
C SER C 14 -11.67 18.66 -15.34
C SER C 14 -11.58 18.62 -15.42
N TRP C 15 -11.95 17.58 -16.12
CA TRP C 15 -11.98 17.72 -17.60
C TRP C 15 -12.86 18.87 -18.02
N SER C 16 -14.01 19.06 -17.34
CA SER C 16 -14.99 20.06 -17.80
C SER C 16 -14.43 21.48 -17.78
N LYS C 17 -13.27 21.62 -17.11
N LYS C 17 -13.37 21.74 -17.04
CA LYS C 17 -12.64 22.98 -16.99
CA LYS C 17 -12.86 23.18 -17.06
C LYS C 17 -12.25 23.51 -18.38
C LYS C 17 -12.38 23.53 -18.53
N LYS C 18 -11.56 22.67 -19.11
CA LYS C 18 -11.09 22.93 -20.48
C LYS C 18 -11.93 22.37 -21.54
N TYR C 19 -12.79 21.38 -21.23
CA TYR C 19 -13.57 20.72 -22.24
C TYR C 19 -15.04 20.78 -21.76
N PRO C 20 -15.76 21.86 -22.03
CA PRO C 20 -17.02 22.03 -21.37
C PRO C 20 -18.01 20.84 -21.64
N SER C 21 -17.91 20.17 -22.78
CA SER C 21 -18.85 19.06 -23.08
C SER C 21 -18.70 17.96 -22.09
N CYS C 22 -17.61 17.89 -21.36
CA CYS C 22 -17.48 16.82 -20.35
C CYS C 22 -18.46 16.97 -19.18
N GLY C 23 -18.99 18.17 -18.99
CA GLY C 23 -20.03 18.42 -18.00
C GLY C 23 -21.41 18.60 -18.58
N GLY C 24 -21.59 18.24 -19.88
CA GLY C 24 -22.85 18.45 -20.55
C GLY C 24 -23.71 17.20 -20.71
N LEU C 25 -24.59 17.22 -21.70
CA LEU C 25 -25.58 16.12 -21.89
C LEU C 25 -24.89 14.93 -22.53
N LEU C 26 -25.58 13.79 -22.45
CA LEU C 26 -25.34 12.57 -23.28
C LEU C 26 -23.96 11.96 -23.02
N GLN C 27 -23.51 12.05 -21.75
CA GLN C 27 -22.16 11.52 -21.44
C GLN C 27 -22.06 10.01 -21.33
N SER C 28 -20.99 9.45 -21.87
CA SER C 28 -20.63 8.06 -21.74
C SER C 28 -19.36 7.90 -20.92
N PRO C 29 -19.07 6.74 -20.38
CA PRO C 29 -19.80 5.50 -20.52
C PRO C 29 -20.92 5.42 -19.45
N ILE C 30 -21.70 4.30 -19.52
CA ILE C 30 -22.88 4.12 -18.65
C ILE C 30 -22.97 2.65 -18.23
N ASP C 31 -23.70 2.44 -17.15
CA ASP C 31 -24.07 1.04 -16.76
C ASP C 31 -25.23 0.57 -17.57
N LEU C 32 -25.08 -0.65 -18.12
CA LEU C 32 -26.09 -1.27 -18.95
C LEU C 32 -26.82 -2.30 -18.07
N HIS C 33 -28.04 -2.04 -17.73
CA HIS C 33 -28.72 -2.93 -16.76
C HIS C 33 -30.16 -3.13 -17.16
N SER C 34 -30.85 -4.21 -16.66
CA SER C 34 -32.06 -4.69 -17.31
C SER C 34 -33.15 -3.73 -17.27
N ASP C 35 -33.18 -2.88 -16.21
CA ASP C 35 -34.34 -1.99 -16.02
C ASP C 35 -34.46 -0.95 -17.10
N ILE C 36 -33.34 -0.67 -17.83
CA ILE C 36 -33.33 0.39 -18.78
C ILE C 36 -33.17 -0.17 -20.23
N LEU C 37 -33.23 -1.49 -20.41
CA LEU C 37 -33.07 -2.05 -21.75
C LEU C 37 -34.39 -2.14 -22.46
N GLN C 38 -34.40 -1.92 -23.75
CA GLN C 38 -35.68 -2.10 -24.52
C GLN C 38 -35.27 -2.67 -25.87
N TYR C 39 -35.89 -3.84 -26.21
CA TYR C 39 -35.70 -4.33 -27.56
C TYR C 39 -36.15 -3.41 -28.65
N ASP C 40 -35.38 -3.29 -29.72
CA ASP C 40 -35.68 -2.32 -30.83
C ASP C 40 -35.42 -3.16 -32.15
N ALA C 41 -36.50 -3.36 -32.92
CA ALA C 41 -36.42 -4.15 -34.19
C ALA C 41 -35.56 -3.49 -35.27
N SER C 42 -35.22 -2.21 -35.15
CA SER C 42 -34.47 -1.57 -36.18
C SER C 42 -32.99 -2.00 -36.12
N LEU C 43 -32.66 -2.65 -34.98
CA LEU C 43 -31.28 -2.99 -34.74
C LEU C 43 -30.85 -4.31 -35.38
N THR C 44 -30.75 -4.22 -36.70
CA THR C 44 -30.26 -5.31 -37.56
C THR C 44 -28.74 -5.52 -37.45
N PRO C 45 -28.24 -6.66 -37.98
CA PRO C 45 -26.82 -6.93 -37.98
C PRO C 45 -26.00 -5.95 -38.83
N LEU C 46 -24.95 -5.34 -38.28
CA LEU C 46 -24.07 -4.42 -38.96
C LEU C 46 -23.16 -5.27 -39.89
N GLU C 47 -22.63 -4.61 -40.93
CA GLU C 47 -21.58 -5.23 -41.77
C GLU C 47 -20.32 -4.47 -41.70
N PHE C 48 -19.19 -5.19 -41.58
CA PHE C 48 -17.88 -4.60 -41.36
C PHE C 48 -17.14 -4.68 -42.69
N GLN C 49 -16.85 -3.54 -43.29
CA GLN C 49 -16.25 -3.57 -44.66
C GLN C 49 -14.86 -3.03 -44.73
N GLY C 50 -13.96 -3.72 -45.51
CA GLY C 50 -12.55 -3.33 -45.58
C GLY C 50 -11.78 -3.46 -44.29
N TYR C 51 -12.21 -4.35 -43.45
CA TYR C 51 -11.61 -4.59 -42.12
C TYR C 51 -10.41 -5.51 -42.26
N ASN C 52 -10.36 -6.23 -43.38
CA ASN C 52 -9.22 -7.12 -43.64
C ASN C 52 -8.05 -6.33 -44.21
N LEU C 53 -7.14 -5.89 -43.33
CA LEU C 53 -6.10 -4.96 -43.75
C LEU C 53 -4.94 -5.90 -44.11
N SER C 54 -4.36 -5.66 -45.26
CA SER C 54 -3.28 -6.52 -45.69
C SER C 54 -2.09 -6.54 -44.76
N ALA C 55 -1.58 -7.75 -44.53
CA ALA C 55 -0.31 -7.99 -43.85
C ALA C 55 0.79 -7.19 -44.54
N ASN C 56 0.48 -6.72 -45.74
CA ASN C 56 1.37 -5.97 -46.60
C ASN C 56 1.58 -4.59 -46.04
N LYS C 57 0.43 -3.99 -45.70
CA LYS C 57 0.29 -2.57 -45.34
C LYS C 57 0.68 -2.49 -43.90
N GLN C 58 0.88 -1.26 -43.42
CA GLN C 58 1.11 -1.05 -42.01
C GLN C 58 0.47 0.26 -41.51
N PHE C 59 0.30 0.30 -40.17
CA PHE C 59 -0.56 1.21 -39.40
C PHE C 59 0.11 1.76 -38.18
N LEU C 60 0.11 3.08 -37.97
CA LEU C 60 0.89 3.77 -36.98
C LEU C 60 0.18 3.52 -35.63
N LEU C 61 0.94 3.00 -34.68
N LEU C 61 0.86 2.87 -34.70
CA LEU C 61 0.63 2.81 -33.26
CA LEU C 61 0.53 2.86 -33.28
C LEU C 61 1.32 3.85 -32.32
C LEU C 61 1.19 4.04 -32.61
N THR C 62 0.53 4.59 -31.60
CA THR C 62 1.00 5.82 -30.93
C THR C 62 0.64 5.69 -29.49
N ASN C 63 1.60 5.99 -28.62
CA ASN C 63 1.26 6.18 -27.31
C ASN C 63 0.99 7.70 -27.19
N ASN C 64 -0.29 8.09 -27.05
CA ASN C 64 -0.56 9.52 -26.94
C ASN C 64 -0.62 9.96 -25.51
N GLY C 65 -0.08 9.13 -24.57
CA GLY C 65 -0.06 9.47 -23.13
C GLY C 65 -1.38 9.17 -22.45
N HIS C 66 -2.39 8.83 -23.23
CA HIS C 66 -3.71 8.57 -22.63
C HIS C 66 -4.05 7.14 -22.86
N SER C 67 -3.75 6.67 -24.04
CA SER C 67 -3.93 5.30 -24.41
C SER C 67 -2.88 4.94 -25.47
N VAL C 68 -3.00 3.72 -26.01
CA VAL C 68 -2.34 3.32 -27.24
C VAL C 68 -3.37 3.27 -28.31
N LYS C 69 -3.11 4.00 -29.39
N LYS C 69 -3.10 3.92 -29.42
CA LYS C 69 -4.03 4.17 -30.54
CA LYS C 69 -4.11 4.09 -30.48
C LYS C 69 -3.34 3.49 -31.67
C LYS C 69 -3.47 3.73 -31.81
N LEU C 70 -4.15 2.82 -32.49
CA LEU C 70 -3.81 2.36 -33.86
C LEU C 70 -4.58 3.14 -34.88
N ASN C 71 -3.87 3.87 -35.74
CA ASN C 71 -4.50 4.54 -36.84
C ASN C 71 -5.13 3.52 -37.86
N LEU C 72 -6.34 3.81 -38.39
CA LEU C 72 -7.03 2.87 -39.27
C LEU C 72 -7.50 3.53 -40.59
N PRO C 73 -7.60 2.82 -41.75
CA PRO C 73 -7.68 3.62 -43.01
C PRO C 73 -9.13 3.95 -43.45
N SER C 74 -9.39 5.09 -44.07
CA SER C 74 -10.76 5.56 -44.27
C SER C 74 -11.64 4.70 -45.12
N ASP C 75 -11.06 3.79 -45.92
CA ASP C 75 -11.86 2.92 -46.80
C ASP C 75 -12.39 1.73 -45.91
N MET C 76 -11.93 1.67 -44.65
N MET C 76 -11.93 1.63 -44.67
CA MET C 76 -12.50 0.71 -43.69
CA MET C 76 -12.58 0.64 -43.84
C MET C 76 -13.83 1.29 -43.09
C MET C 76 -13.83 1.28 -43.16
N HIS C 77 -14.93 0.54 -43.10
CA HIS C 77 -16.29 1.15 -42.73
C HIS C 77 -17.38 0.21 -42.27
N ILE C 78 -18.38 0.80 -41.56
CA ILE C 78 -19.55 0.07 -41.16
C ILE C 78 -20.69 0.40 -42.15
N GLN C 79 -21.34 -0.67 -42.54
CA GLN C 79 -22.54 -0.72 -43.32
C GLN C 79 -23.75 -1.18 -42.46
N GLY C 80 -24.83 -0.45 -42.57
CA GLY C 80 -26.03 -0.80 -41.88
C GLY C 80 -26.59 0.32 -41.04
N LEU C 81 -25.86 1.44 -40.89
CA LEU C 81 -26.39 2.52 -40.07
C LEU C 81 -27.00 3.52 -41.04
N GLN C 82 -27.53 4.60 -40.52
CA GLN C 82 -28.18 5.59 -41.38
C GLN C 82 -27.24 6.47 -42.23
N SER C 83 -25.93 6.47 -41.96
CA SER C 83 -24.91 7.11 -42.80
C SER C 83 -23.78 6.12 -42.82
N ARG C 84 -22.87 6.28 -43.78
CA ARG C 84 -21.59 5.55 -43.67
C ARG C 84 -20.67 6.08 -42.64
N TYR C 85 -20.14 5.16 -41.80
CA TYR C 85 -19.10 5.54 -40.86
C TYR C 85 -17.82 4.84 -41.22
N SER C 86 -16.80 5.62 -41.48
CA SER C 86 -15.52 5.13 -41.84
C SER C 86 -14.62 5.12 -40.60
N ALA C 87 -13.75 4.13 -40.62
CA ALA C 87 -12.72 4.03 -39.56
C ALA C 87 -11.68 5.14 -39.45
N THR C 88 -11.25 5.44 -38.19
CA THR C 88 -10.20 6.46 -37.92
C THR C 88 -9.10 5.87 -37.05
N GLN C 89 -9.46 5.08 -36.00
CA GLN C 89 -8.39 4.67 -35.02
C GLN C 89 -9.11 3.70 -34.08
N LEU C 90 -8.37 2.75 -33.52
CA LEU C 90 -8.81 1.98 -32.39
C LEU C 90 -7.89 2.19 -31.24
N HIS C 91 -8.38 1.96 -30.03
CA HIS C 91 -7.57 2.12 -28.84
C HIS C 91 -8.24 1.24 -27.70
N LEU C 92 -7.58 1.22 -26.53
CA LEU C 92 -8.09 0.35 -25.48
C LEU C 92 -8.10 1.13 -24.17
N HIS C 93 -8.93 0.56 -23.27
CA HIS C 93 -9.05 1.04 -21.87
C HIS C 93 -8.91 -0.16 -20.91
N TRP C 94 -8.16 0.12 -19.82
CA TRP C 94 -7.93 -0.97 -18.90
C TRP C 94 -7.78 -0.43 -17.42
N GLY C 95 -7.62 -1.53 -16.61
CA GLY C 95 -7.41 -1.40 -15.18
C GLY C 95 -5.91 -1.42 -14.78
N ASN C 96 -5.70 -2.24 -13.77
CA ASN C 96 -4.30 -2.35 -13.19
C ASN C 96 -4.22 -3.71 -12.57
N PRO C 97 -2.98 -4.25 -12.34
CA PRO C 97 -3.01 -5.63 -11.87
C PRO C 97 -3.63 -5.96 -10.47
N ASN C 98 -3.64 -4.95 -9.60
CA ASN C 98 -4.32 -5.04 -8.26
C ASN C 98 -5.86 -5.05 -8.39
N ASP C 99 -6.38 -4.71 -9.56
CA ASP C 99 -7.87 -4.48 -9.67
C ASP C 99 -8.13 -4.52 -11.16
N PRO C 100 -8.08 -5.70 -11.71
CA PRO C 100 -7.99 -5.85 -13.17
C PRO C 100 -9.42 -5.78 -13.78
N HIS C 101 -10.06 -4.58 -13.56
CA HIS C 101 -11.48 -4.40 -13.97
C HIS C 101 -11.68 -2.99 -14.52
N GLY C 102 -11.14 -2.72 -15.71
CA GLY C 102 -11.10 -1.37 -16.28
C GLY C 102 -11.74 -1.16 -17.68
N SER C 103 -12.82 -1.90 -17.86
CA SER C 103 -13.75 -1.50 -18.96
C SER C 103 -14.44 -0.19 -18.60
N GLU C 104 -14.87 0.52 -19.64
CA GLU C 104 -15.61 1.71 -19.45
C GLU C 104 -17.12 1.49 -19.19
N HIS C 105 -17.77 0.83 -20.10
CA HIS C 105 -19.20 0.40 -19.82
C HIS C 105 -19.18 -0.73 -18.78
N THR C 106 -20.25 -0.79 -17.98
CA THR C 106 -20.45 -1.91 -17.05
C THR C 106 -21.77 -2.58 -17.39
N VAL C 107 -21.92 -3.88 -17.01
CA VAL C 107 -23.15 -4.55 -17.22
C VAL C 107 -23.71 -4.98 -15.84
N SER C 108 -24.91 -4.53 -15.48
CA SER C 108 -25.48 -4.80 -14.16
C SER C 108 -24.44 -4.47 -13.07
N GLY C 109 -23.81 -3.32 -13.25
CA GLY C 109 -22.89 -2.89 -12.24
C GLY C 109 -21.48 -3.38 -12.32
N GLN C 110 -21.20 -4.36 -13.18
CA GLN C 110 -19.92 -5.04 -13.17
C GLN C 110 -19.01 -4.60 -14.31
N HIS C 111 -17.78 -4.18 -13.97
CA HIS C 111 -16.76 -3.95 -15.01
C HIS C 111 -16.26 -5.25 -15.61
N PHE C 112 -15.86 -5.16 -16.85
CA PHE C 112 -15.08 -6.20 -17.49
C PHE C 112 -13.63 -5.85 -17.31
N ALA C 113 -12.67 -6.79 -17.62
CA ALA C 113 -11.30 -6.38 -17.56
C ALA C 113 -10.73 -5.20 -18.29
N ALA C 114 -11.22 -5.02 -19.54
CA ALA C 114 -10.79 -3.97 -20.41
C ALA C 114 -11.91 -3.86 -21.50
N GLU C 115 -11.69 -2.86 -22.32
CA GLU C 115 -12.63 -2.63 -23.38
C GLU C 115 -11.77 -2.01 -24.61
N LEU C 116 -12.18 -2.53 -25.78
CA LEU C 116 -11.64 -1.99 -27.02
C LEU C 116 -12.67 -1.06 -27.75
N HIS C 117 -12.17 0.09 -28.27
CA HIS C 117 -13.08 1.13 -28.95
C HIS C 117 -12.53 1.11 -30.41
N ILE C 118 -13.41 0.87 -31.37
CA ILE C 118 -13.10 1.14 -32.82
C ILE C 118 -13.83 2.33 -33.31
N VAL C 119 -13.17 3.43 -33.48
CA VAL C 119 -13.71 4.78 -33.67
C VAL C 119 -13.87 5.00 -35.15
N HIS C 120 -15.12 5.28 -35.50
CA HIS C 120 -15.50 5.67 -36.92
C HIS C 120 -16.12 7.07 -37.00
N TYR C 121 -16.09 7.69 -38.19
CA TYR C 121 -16.63 9.02 -38.32
C TYR C 121 -17.60 8.95 -39.49
N ASN C 122 -18.49 9.94 -39.51
CA ASN C 122 -19.53 10.01 -40.55
C ASN C 122 -18.92 10.64 -41.80
N SER C 123 -18.52 9.78 -42.70
CA SER C 123 -17.77 10.27 -43.88
C SER C 123 -18.73 10.76 -44.94
N ASP C 124 -20.00 10.42 -44.84
CA ASP C 124 -21.03 11.03 -45.68
C ASP C 124 -21.22 12.51 -45.43
N LEU C 125 -20.99 13.01 -44.21
N LEU C 125 -20.99 12.96 -44.22
CA LEU C 125 -21.21 14.44 -43.89
CA LEU C 125 -21.22 14.35 -43.87
C LEU C 125 -19.91 15.17 -43.60
C LEU C 125 -19.90 15.10 -43.79
N TYR C 126 -18.84 14.42 -43.32
CA TYR C 126 -17.61 15.10 -42.87
C TYR C 126 -16.33 14.53 -43.52
N PRO C 127 -15.27 15.41 -43.73
CA PRO C 127 -14.05 14.98 -44.42
C PRO C 127 -13.12 14.14 -43.63
N ASP C 128 -13.21 14.26 -42.29
CA ASP C 128 -12.24 13.50 -41.48
C ASP C 128 -12.82 13.35 -40.07
N ALA C 129 -12.12 12.59 -39.23
CA ALA C 129 -12.66 12.39 -37.85
C ALA C 129 -12.56 13.61 -36.93
N SER C 130 -11.46 14.33 -36.99
CA SER C 130 -11.26 15.59 -36.31
C SER C 130 -12.44 16.53 -36.57
N THR C 131 -12.74 16.78 -37.86
CA THR C 131 -13.84 17.72 -38.21
C THR C 131 -15.16 17.15 -37.66
N ALA C 132 -15.34 15.85 -37.80
CA ALA C 132 -16.62 15.17 -37.41
C ALA C 132 -16.88 15.20 -35.92
N SER C 133 -15.79 15.22 -35.15
CA SER C 133 -15.91 14.78 -33.72
C SER C 133 -16.74 15.72 -32.95
N ASN C 134 -16.88 16.99 -33.34
CA ASN C 134 -17.67 17.92 -32.53
C ASN C 134 -18.97 18.33 -33.26
N LYS C 135 -19.43 17.49 -34.17
CA LYS C 135 -20.51 17.80 -35.04
C LYS C 135 -21.57 16.76 -35.04
N SER C 136 -22.78 17.21 -35.32
CA SER C 136 -23.95 16.35 -35.30
C SER C 136 -23.70 14.98 -36.01
N GLU C 137 -24.03 13.85 -35.35
CA GLU C 137 -23.97 12.50 -35.94
C GLU C 137 -22.54 12.21 -36.37
N GLY C 138 -21.58 12.78 -35.70
CA GLY C 138 -20.23 12.73 -36.21
C GLY C 138 -19.53 11.41 -36.14
N LEU C 139 -19.83 10.61 -35.09
CA LEU C 139 -19.04 9.48 -34.74
C LEU C 139 -19.85 8.25 -34.45
N ALA C 140 -19.26 7.07 -34.58
CA ALA C 140 -19.85 5.79 -34.21
C ALA C 140 -18.77 4.95 -33.67
N VAL C 141 -18.94 4.29 -32.51
CA VAL C 141 -17.90 3.47 -31.96
C VAL C 141 -18.42 2.08 -31.76
N LEU C 142 -17.60 1.11 -32.13
CA LEU C 142 -17.87 -0.28 -31.74
C LEU C 142 -17.11 -0.63 -30.50
N ALA C 143 -17.78 -1.08 -29.45
CA ALA C 143 -17.11 -1.39 -28.19
C ALA C 143 -17.25 -2.85 -27.92
N VAL C 144 -16.02 -3.35 -27.61
CA VAL C 144 -15.89 -4.78 -27.27
C VAL C 144 -15.39 -4.98 -25.81
N LEU C 145 -16.24 -5.68 -25.09
CA LEU C 145 -15.91 -5.95 -23.65
C LEU C 145 -14.85 -7.13 -23.64
N ILE C 146 -13.81 -6.91 -22.80
CA ILE C 146 -12.54 -7.83 -22.72
C ILE C 146 -12.61 -8.45 -21.29
N GLU C 147 -12.69 -9.80 -21.25
CA GLU C 147 -12.47 -10.55 -20.02
C GLU C 147 -11.27 -11.53 -20.14
N MET C 148 -10.90 -12.04 -18.98
CA MET C 148 -9.75 -12.96 -18.84
C MET C 148 -10.19 -14.29 -19.30
N GLY C 149 -9.33 -14.92 -20.13
CA GLY C 149 -9.63 -16.32 -20.44
C GLY C 149 -8.49 -16.90 -21.27
N SER C 150 -8.87 -17.48 -22.42
CA SER C 150 -7.94 -18.10 -23.41
C SER C 150 -7.16 -17.03 -24.14
N PHE C 151 -5.93 -17.37 -24.57
CA PHE C 151 -4.90 -16.44 -25.15
C PHE C 151 -5.52 -16.01 -26.45
N ASN C 152 -5.30 -14.75 -26.89
CA ASN C 152 -5.92 -14.33 -28.14
C ASN C 152 -4.94 -13.86 -29.18
N PRO C 153 -4.70 -14.69 -30.20
CA PRO C 153 -3.71 -14.31 -31.19
C PRO C 153 -3.98 -13.05 -31.95
N SER C 154 -5.27 -12.67 -32.07
CA SER C 154 -5.63 -11.42 -32.78
C SER C 154 -5.22 -10.27 -31.96
N TYR C 155 -5.59 -10.26 -30.65
CA TYR C 155 -5.17 -9.14 -29.81
C TYR C 155 -3.63 -9.06 -29.70
N ASP C 156 -2.93 -10.19 -29.87
CA ASP C 156 -1.46 -10.12 -29.76
C ASP C 156 -0.81 -9.43 -30.96
N LYS C 157 -1.59 -9.17 -32.03
CA LYS C 157 -1.03 -8.49 -33.24
C LYS C 157 -0.83 -7.06 -32.86
N ILE C 158 -1.62 -6.59 -31.89
N ILE C 158 -1.65 -6.60 -31.90
CA ILE C 158 -1.32 -5.25 -31.37
CA ILE C 158 -1.39 -5.29 -31.30
C ILE C 158 -0.40 -5.32 -30.16
C ILE C 158 -0.31 -5.45 -30.25
N PHE C 159 -0.64 -6.28 -29.26
CA PHE C 159 0.01 -6.25 -27.93
C PHE C 159 1.54 -6.57 -28.06
N SER C 160 1.90 -7.21 -29.19
CA SER C 160 3.26 -7.62 -29.48
C SER C 160 4.13 -6.46 -29.85
N HIS C 161 3.54 -5.26 -29.92
CA HIS C 161 4.24 -4.00 -30.19
C HIS C 161 4.32 -3.03 -29.07
N LEU C 162 3.75 -3.33 -27.89
CA LEU C 162 3.65 -2.34 -26.83
C LEU C 162 4.97 -1.87 -26.34
N GLN C 163 6.03 -2.72 -26.38
CA GLN C 163 7.30 -2.23 -25.82
C GLN C 163 7.98 -1.25 -26.78
N HIS C 164 7.46 -1.09 -28.03
CA HIS C 164 7.93 -0.06 -28.97
C HIS C 164 7.35 1.36 -28.74
N VAL C 165 6.24 1.42 -27.97
CA VAL C 165 5.60 2.65 -27.63
C VAL C 165 5.44 2.88 -26.10
N LYS C 166 6.48 2.57 -25.30
CA LYS C 166 6.34 2.66 -23.90
C LYS C 166 6.05 4.08 -23.39
N TYR C 167 6.57 5.06 -24.10
CA TYR C 167 6.49 6.43 -23.54
C TYR C 167 5.62 7.34 -24.36
N LYS C 168 5.06 8.39 -23.70
N LYS C 168 5.04 8.38 -23.71
CA LYS C 168 4.20 9.37 -24.37
CA LYS C 168 4.19 9.31 -24.46
C LYS C 168 4.89 10.01 -25.58
C LYS C 168 4.96 9.86 -25.65
N GLY C 169 4.25 9.93 -26.76
CA GLY C 169 4.79 10.47 -27.97
C GLY C 169 5.44 9.44 -28.83
N GLN C 170 5.68 8.21 -28.33
CA GLN C 170 6.40 7.27 -29.17
C GLN C 170 5.49 6.62 -30.11
N GLU C 171 6.03 6.23 -31.26
CA GLU C 171 5.26 5.65 -32.31
C GLU C 171 5.95 4.39 -32.78
N ALA C 172 5.16 3.52 -33.34
CA ALA C 172 5.66 2.33 -34.06
C ALA C 172 4.71 1.93 -35.16
N PHE C 173 5.10 0.98 -36.01
CA PHE C 173 4.16 0.44 -37.02
C PHE C 173 3.77 -0.98 -36.62
N VAL C 174 2.49 -1.27 -36.83
CA VAL C 174 1.91 -2.62 -36.69
C VAL C 174 1.53 -3.12 -38.08
N PRO C 175 1.94 -4.37 -38.42
CA PRO C 175 1.51 -4.82 -39.73
C PRO C 175 -0.02 -5.01 -39.80
N GLY C 176 -0.58 -4.87 -41.00
CA GLY C 176 -1.99 -5.07 -41.35
C GLY C 176 -2.42 -6.43 -40.84
N PHE C 177 -3.71 -6.49 -40.50
CA PHE C 177 -4.41 -7.79 -40.24
C PHE C 177 -5.94 -7.52 -40.31
N ASN C 178 -6.77 -8.58 -40.20
CA ASN C 178 -8.15 -8.45 -40.23
C ASN C 178 -8.77 -7.96 -38.88
N ILE C 179 -9.18 -6.67 -38.89
CA ILE C 179 -9.60 -6.06 -37.67
C ILE C 179 -10.82 -6.79 -37.13
N GLU C 180 -11.53 -7.47 -38.00
CA GLU C 180 -12.75 -8.16 -37.61
C GLU C 180 -12.48 -9.30 -36.64
N GLU C 181 -11.20 -9.70 -36.52
N GLU C 181 -11.26 -9.77 -36.55
CA GLU C 181 -10.69 -10.75 -35.58
CA GLU C 181 -11.07 -10.85 -35.62
C GLU C 181 -10.76 -10.29 -34.11
C GLU C 181 -11.26 -10.33 -34.19
N LEU C 182 -10.99 -9.00 -33.96
CA LEU C 182 -11.05 -8.37 -32.58
C LEU C 182 -12.48 -8.40 -32.02
N LEU C 183 -13.45 -8.71 -32.89
CA LEU C 183 -14.90 -8.61 -32.61
C LEU C 183 -15.24 -9.92 -31.98
N PRO C 184 -16.23 -9.93 -31.09
CA PRO C 184 -16.71 -11.14 -30.39
C PRO C 184 -17.64 -11.98 -31.22
N GLU C 185 -18.03 -13.09 -30.62
CA GLU C 185 -19.06 -13.96 -31.16
C GLU C 185 -20.46 -13.30 -31.17
N ARG C 186 -21.26 -13.73 -32.14
CA ARG C 186 -22.61 -13.15 -32.41
C ARG C 186 -22.70 -11.63 -32.39
N THR C 187 -21.97 -11.00 -33.30
CA THR C 187 -22.02 -9.59 -33.33
C THR C 187 -23.44 -9.05 -33.54
N ALA C 188 -24.42 -9.88 -33.90
CA ALA C 188 -25.80 -9.40 -34.11
C ALA C 188 -26.43 -8.95 -32.78
N GLU C 189 -25.84 -9.37 -31.65
CA GLU C 189 -26.48 -9.12 -30.30
C GLU C 189 -25.70 -7.94 -29.70
N TYR C 190 -26.33 -6.75 -29.63
CA TYR C 190 -25.61 -5.62 -29.09
C TYR C 190 -26.62 -4.66 -28.41
N TYR C 191 -25.98 -3.73 -27.63
CA TYR C 191 -26.67 -2.61 -27.02
C TYR C 191 -26.38 -1.40 -27.89
N ARG C 192 -27.33 -0.48 -27.91
CA ARG C 192 -27.21 0.72 -28.73
C ARG C 192 -27.70 1.94 -27.97
N TYR C 193 -26.92 3.04 -27.93
CA TYR C 193 -27.51 4.29 -27.39
C TYR C 193 -26.70 5.48 -27.94
N ARG C 194 -27.26 6.69 -27.83
CA ARG C 194 -26.58 7.87 -28.21
C ARG C 194 -25.83 8.40 -27.02
N GLY C 195 -24.54 8.68 -27.21
CA GLY C 195 -23.69 9.16 -26.11
C GLY C 195 -22.58 10.06 -26.56
N SER C 196 -21.39 9.91 -25.91
CA SER C 196 -20.35 10.95 -26.09
C SER C 196 -19.00 10.20 -26.24
N LEU C 197 -17.99 10.95 -26.67
CA LEU C 197 -16.62 10.45 -26.46
C LEU C 197 -16.48 10.25 -24.89
N THR C 198 -15.73 9.23 -24.53
CA THR C 198 -15.46 9.01 -23.11
C THR C 198 -14.18 9.72 -22.65
N THR C 199 -13.52 10.41 -23.59
CA THR C 199 -12.37 11.28 -23.27
C THR C 199 -12.61 12.64 -23.71
N PRO C 200 -11.85 13.61 -23.22
CA PRO C 200 -11.95 14.96 -23.74
C PRO C 200 -11.83 14.91 -25.28
N PRO C 201 -12.57 15.80 -25.97
CA PRO C 201 -13.48 16.80 -25.45
C PRO C 201 -14.94 16.41 -25.09
N CYS C 202 -15.19 15.08 -25.06
CA CYS C 202 -16.46 14.50 -24.55
C CYS C 202 -17.63 14.88 -25.38
N ASN C 203 -17.44 15.23 -26.68
CA ASN C 203 -18.55 15.68 -27.46
C ASN C 203 -19.70 14.65 -27.52
N PRO C 204 -20.95 15.17 -27.39
CA PRO C 204 -22.12 14.21 -27.34
C PRO C 204 -22.51 13.84 -28.77
N THR C 205 -21.58 13.25 -29.47
CA THR C 205 -21.68 13.04 -30.93
C THR C 205 -21.45 11.57 -31.35
N VAL C 206 -21.52 10.59 -30.39
CA VAL C 206 -21.19 9.23 -30.68
C VAL C 206 -22.40 8.34 -30.63
N LEU C 207 -22.65 7.59 -31.71
N LEU C 207 -22.57 7.56 -31.67
CA LEU C 207 -23.58 6.43 -31.68
CA LEU C 207 -23.53 6.49 -31.71
C LEU C 207 -22.80 5.27 -31.12
C LEU C 207 -22.88 5.19 -31.21
N TRP C 208 -23.20 4.75 -29.97
CA TRP C 208 -22.48 3.60 -29.38
C TRP C 208 -23.12 2.30 -29.72
N THR C 209 -22.29 1.33 -30.06
CA THR C 209 -22.69 -0.03 -30.19
C THR C 209 -21.83 -0.88 -29.32
N VAL C 210 -22.39 -1.48 -28.24
CA VAL C 210 -21.54 -2.25 -27.33
C VAL C 210 -21.97 -3.67 -27.54
N PHE C 211 -21.03 -4.54 -27.98
CA PHE C 211 -21.55 -5.86 -28.20
C PHE C 211 -21.92 -6.61 -26.91
N ARG C 212 -22.91 -7.50 -26.98
N ARG C 212 -22.92 -7.49 -26.94
CA ARG C 212 -23.52 -8.20 -25.83
CA ARG C 212 -23.44 -8.14 -25.75
C ARG C 212 -22.54 -9.23 -25.21
C ARG C 212 -22.32 -9.06 -25.20
N ASN C 213 -21.74 -9.86 -26.11
CA ASN C 213 -20.72 -10.92 -25.68
C ASN C 213 -19.30 -10.44 -25.65
N PRO C 214 -18.54 -10.76 -24.56
CA PRO C 214 -17.19 -10.24 -24.40
C PRO C 214 -16.17 -11.11 -25.23
N VAL C 215 -14.96 -10.61 -25.44
CA VAL C 215 -13.79 -11.43 -26.01
C VAL C 215 -12.90 -11.72 -24.79
N GLN C 216 -12.08 -12.78 -24.96
CA GLN C 216 -11.05 -13.15 -23.98
C GLN C 216 -9.60 -12.87 -24.44
N ILE C 217 -8.72 -12.52 -23.49
CA ILE C 217 -7.31 -12.38 -23.65
C ILE C 217 -6.71 -13.15 -22.43
N SER C 218 -5.54 -13.77 -22.61
CA SER C 218 -5.06 -14.58 -21.49
C SER C 218 -4.81 -13.61 -20.29
N GLN C 219 -4.58 -14.18 -19.09
CA GLN C 219 -3.90 -13.46 -18.01
C GLN C 219 -2.60 -12.76 -18.37
N GLU C 220 -1.71 -13.38 -19.19
CA GLU C 220 -0.50 -12.63 -19.51
C GLU C 220 -0.67 -11.52 -20.41
N GLN C 221 -1.52 -11.71 -21.42
CA GLN C 221 -1.93 -10.64 -22.33
C GLN C 221 -2.48 -9.41 -21.58
N LEU C 222 -3.36 -9.71 -20.64
CA LEU C 222 -3.91 -8.66 -19.72
C LEU C 222 -2.93 -7.87 -18.90
N LEU C 223 -2.10 -8.67 -18.15
CA LEU C 223 -0.90 -8.23 -17.44
C LEU C 223 0.03 -7.37 -18.27
N ALA C 224 0.31 -7.84 -19.48
CA ALA C 224 1.16 -7.20 -20.49
C ALA C 224 0.63 -5.83 -20.77
N LEU C 225 -0.67 -5.79 -21.09
CA LEU C 225 -1.36 -4.56 -21.44
C LEU C 225 -1.33 -3.61 -20.26
N GLU C 226 -1.64 -4.17 -19.07
CA GLU C 226 -1.64 -3.43 -17.80
C GLU C 226 -0.27 -2.86 -17.37
N THR C 227 0.78 -3.49 -17.94
CA THR C 227 2.18 -3.37 -17.48
C THR C 227 3.23 -2.65 -18.41
N ALA C 228 2.83 -2.23 -19.60
CA ALA C 228 3.79 -1.93 -20.66
C ALA C 228 3.99 -0.41 -20.84
N LEU C 229 2.96 0.43 -20.56
CA LEU C 229 3.07 1.83 -20.91
C LEU C 229 3.16 2.82 -19.82
N TYR C 230 3.59 3.99 -20.23
CA TYR C 230 3.73 5.08 -19.34
C TYR C 230 2.96 6.17 -19.97
N CYS C 231 2.40 7.01 -19.13
N CYS C 231 2.44 7.08 -19.15
CA CYS C 231 1.77 8.14 -19.67
CA CYS C 231 1.73 8.24 -19.67
C CYS C 231 2.88 9.02 -20.23
C CYS C 231 2.64 9.50 -19.81
N THR C 232 3.86 9.31 -19.35
CA THR C 232 4.92 10.33 -19.46
C THR C 232 5.96 10.08 -20.56
N HIS C 233 6.64 11.15 -21.03
N HIS C 233 6.72 11.16 -20.84
CA HIS C 233 7.66 10.85 -22.05
CA HIS C 233 7.82 11.15 -21.83
C HIS C 233 8.95 10.28 -21.45
C HIS C 233 9.05 10.33 -21.39
N MET C 234 9.85 9.88 -22.36
CA MET C 234 10.89 8.83 -22.24
C MET C 234 11.89 8.78 -21.07
N ASP C 235 12.21 9.95 -20.53
CA ASP C 235 13.25 10.09 -19.53
C ASP C 235 12.79 11.26 -18.68
N ASP C 236 11.44 11.40 -18.58
CA ASP C 236 10.86 12.02 -17.39
C ASP C 236 11.56 11.25 -16.25
N PRO C 237 12.19 11.96 -15.27
CA PRO C 237 12.73 11.22 -14.13
C PRO C 237 11.63 10.76 -13.14
N SER C 238 10.37 10.82 -13.57
CA SER C 238 9.24 10.34 -12.75
C SER C 238 8.13 9.80 -13.64
N PRO C 239 8.36 8.59 -14.16
CA PRO C 239 7.46 7.97 -15.13
C PRO C 239 6.26 7.35 -14.46
N ARG C 240 5.11 7.49 -15.09
CA ARG C 240 3.87 6.96 -14.57
C ARG C 240 3.30 5.91 -15.51
N GLU C 241 2.95 4.79 -14.90
CA GLU C 241 2.37 3.68 -15.57
C GLU C 241 1.04 4.10 -16.24
N MET C 242 0.82 3.49 -17.42
N MET C 242 0.82 3.74 -17.45
CA MET C 242 -0.47 3.53 -18.16
CA MET C 242 -0.46 4.07 -17.98
C MET C 242 -1.44 2.52 -17.58
C MET C 242 -1.37 2.88 -17.62
N ILE C 243 -2.18 3.07 -16.59
CA ILE C 243 -3.12 2.16 -15.97
C ILE C 243 -4.43 2.96 -15.61
N ASN C 244 -5.50 2.15 -15.43
CA ASN C 244 -6.83 2.76 -15.01
C ASN C 244 -7.29 3.93 -15.90
N ASN C 245 -7.11 3.68 -17.22
CA ASN C 245 -7.35 4.77 -18.20
C ASN C 245 -8.76 4.64 -18.79
N PHE C 246 -9.71 4.58 -17.86
CA PHE C 246 -11.17 4.44 -18.21
C PHE C 246 -11.82 5.54 -17.43
N ARG C 247 -12.96 6.02 -17.97
CA ARG C 247 -13.79 7.01 -17.25
C ARG C 247 -14.81 6.26 -16.38
N GLN C 248 -15.11 6.86 -15.19
CA GLN C 248 -16.23 6.31 -14.37
C GLN C 248 -17.55 6.35 -15.13
N VAL C 249 -18.51 5.46 -14.78
CA VAL C 249 -19.79 5.56 -15.49
C VAL C 249 -20.53 6.87 -15.12
N GLN C 250 -21.36 7.33 -16.02
CA GLN C 250 -22.07 8.59 -15.86
C GLN C 250 -23.48 8.33 -15.51
N LYS C 251 -24.10 9.31 -14.82
CA LYS C 251 -25.58 9.18 -14.64
C LYS C 251 -26.28 9.05 -15.98
N PHE C 252 -27.39 8.28 -15.98
CA PHE C 252 -28.18 8.02 -17.17
C PHE C 252 -29.59 7.83 -16.70
N ASP C 253 -30.34 8.89 -16.70
CA ASP C 253 -31.67 8.92 -16.08
C ASP C 253 -32.76 9.25 -17.08
N GLU C 254 -33.84 8.48 -16.91
N GLU C 254 -33.86 8.55 -16.94
CA GLU C 254 -35.05 8.50 -17.72
CA GLU C 254 -34.99 8.76 -17.82
C GLU C 254 -34.75 8.29 -19.22
C GLU C 254 -34.55 8.57 -19.29
N ARG C 255 -33.68 7.55 -19.48
CA ARG C 255 -33.29 7.16 -20.83
C ARG C 255 -33.26 5.64 -20.95
N LEU C 256 -33.30 5.18 -22.21
CA LEU C 256 -33.24 3.76 -22.50
C LEU C 256 -31.95 3.38 -23.30
N VAL C 257 -31.57 2.13 -23.07
CA VAL C 257 -30.52 1.47 -23.92
C VAL C 257 -31.33 0.49 -24.79
N TYR C 258 -31.14 0.59 -26.14
CA TYR C 258 -31.94 -0.26 -27.05
C TYR C 258 -31.08 -1.52 -27.32
N THR C 259 -31.74 -2.70 -27.39
CA THR C 259 -31.04 -3.93 -27.55
C THR C 259 -31.58 -4.63 -28.84
N SER C 260 -30.59 -5.23 -29.54
CA SER C 260 -30.92 -5.94 -30.81
C SER C 260 -31.40 -7.33 -30.43
N PHE C 261 -31.45 -7.63 -29.16
CA PHE C 261 -31.84 -8.97 -28.69
C PHE C 261 -32.93 -8.86 -27.68
N SER C 262 -33.70 -9.94 -27.47
CA SER C 262 -34.58 -10.00 -26.26
C SER C 262 -34.26 -11.09 -25.15
N LYS D 3 -24.45 27.31 -6.17
CA LYS D 3 -25.60 26.82 -6.87
C LYS D 3 -25.24 25.45 -7.50
N TRP D 4 -24.28 24.71 -6.86
CA TRP D 4 -23.99 23.36 -7.38
C TRP D 4 -25.27 22.50 -7.20
N THR D 5 -25.36 21.52 -8.09
CA THR D 5 -26.54 20.60 -8.20
C THR D 5 -26.03 19.19 -8.42
N TYR D 6 -26.98 18.27 -8.56
CA TYR D 6 -26.66 16.98 -9.05
C TYR D 6 -27.11 16.61 -10.48
N PHE D 7 -27.60 17.64 -11.15
CA PHE D 7 -28.21 17.42 -12.44
C PHE D 7 -28.02 18.68 -13.31
N GLY D 8 -27.46 18.46 -14.51
CA GLY D 8 -27.45 19.58 -15.47
C GLY D 8 -26.12 20.30 -15.45
N PRO D 9 -26.08 21.52 -15.99
CA PRO D 9 -24.82 22.17 -16.13
C PRO D 9 -23.95 22.37 -14.91
N ASP D 10 -24.56 22.48 -13.69
CA ASP D 10 -23.88 22.66 -12.42
C ASP D 10 -23.74 21.33 -11.63
N GLY D 11 -24.00 20.25 -12.35
CA GLY D 11 -23.90 18.90 -11.76
C GLY D 11 -22.44 18.45 -11.55
N GLU D 12 -22.23 17.21 -11.09
CA GLU D 12 -21.02 16.76 -10.44
C GLU D 12 -19.79 16.82 -11.31
N ASN D 13 -19.89 16.68 -12.63
CA ASN D 13 -18.69 16.78 -13.44
C ASN D 13 -18.22 18.25 -13.54
N SER D 14 -19.03 19.17 -13.06
CA SER D 14 -18.64 20.64 -13.13
C SER D 14 -18.26 21.12 -11.74
N TRP D 15 -18.40 20.36 -10.65
CA TRP D 15 -18.15 20.97 -9.30
C TRP D 15 -16.70 21.45 -9.18
N SER D 16 -15.74 20.81 -9.87
CA SER D 16 -14.28 21.17 -9.70
C SER D 16 -14.07 22.54 -10.31
N LYS D 17 -15.00 23.11 -11.06
CA LYS D 17 -14.73 24.45 -11.64
C LYS D 17 -14.74 25.47 -10.53
N LYS D 18 -15.54 25.30 -9.47
CA LYS D 18 -15.59 26.22 -8.31
C LYS D 18 -14.95 25.64 -7.07
N TYR D 19 -14.85 24.29 -6.98
CA TYR D 19 -14.43 23.70 -5.74
C TYR D 19 -13.26 22.80 -6.07
N PRO D 20 -12.00 23.27 -6.10
CA PRO D 20 -10.92 22.49 -6.64
C PRO D 20 -10.75 21.10 -6.01
N SER D 21 -11.06 20.97 -4.69
CA SER D 21 -10.85 19.56 -4.09
C SER D 21 -11.77 18.55 -4.72
N CYS D 22 -12.87 18.92 -5.35
CA CYS D 22 -13.76 17.96 -6.06
C CYS D 22 -13.04 17.35 -7.25
N GLY D 23 -11.97 17.99 -7.77
CA GLY D 23 -11.08 17.41 -8.78
C GLY D 23 -9.71 16.89 -8.22
N GLY D 24 -9.58 16.82 -6.90
CA GLY D 24 -8.36 16.33 -6.23
C GLY D 24 -8.37 14.87 -5.87
N LEU D 25 -7.47 14.50 -5.00
CA LEU D 25 -7.33 13.11 -4.75
C LEU D 25 -8.29 12.76 -3.60
N LEU D 26 -8.38 11.44 -3.41
CA LEU D 26 -8.98 10.82 -2.19
C LEU D 26 -10.48 11.10 -2.04
N GLN D 27 -11.12 11.08 -3.20
CA GLN D 27 -12.55 11.44 -3.26
C GLN D 27 -13.46 10.26 -2.86
N SER D 28 -14.64 10.65 -2.38
CA SER D 28 -15.68 9.69 -2.01
C SER D 28 -16.92 10.05 -2.81
N PRO D 29 -17.86 9.16 -2.99
CA PRO D 29 -17.87 7.72 -2.53
C PRO D 29 -17.05 6.84 -3.45
N ILE D 30 -17.04 5.54 -3.05
CA ILE D 30 -16.32 4.51 -3.80
C ILE D 30 -17.19 3.23 -3.83
N ASP D 31 -16.82 2.36 -4.78
CA ASP D 31 -17.41 0.99 -4.84
C ASP D 31 -16.62 0.05 -3.95
N LEU D 32 -17.29 -0.62 -3.04
CA LEU D 32 -16.60 -1.51 -2.11
C LEU D 32 -16.67 -2.93 -2.72
N HIS D 33 -15.51 -3.38 -3.23
CA HIS D 33 -15.49 -4.64 -3.93
C HIS D 33 -14.24 -5.41 -3.53
N SER D 34 -14.33 -6.74 -3.80
CA SER D 34 -13.34 -7.65 -3.17
C SER D 34 -11.87 -7.27 -3.44
N ASP D 35 -11.51 -6.87 -4.65
CA ASP D 35 -10.11 -6.70 -4.99
C ASP D 35 -9.42 -5.66 -4.12
N ILE D 36 -10.20 -4.72 -3.53
CA ILE D 36 -9.58 -3.58 -2.84
C ILE D 36 -9.79 -3.68 -1.37
N LEU D 37 -10.43 -4.76 -0.89
CA LEU D 37 -10.64 -4.91 0.57
C LEU D 37 -9.49 -5.62 1.24
N GLN D 38 -9.18 -5.22 2.46
CA GLN D 38 -8.12 -5.87 3.24
C GLN D 38 -8.48 -5.88 4.70
N TYR D 39 -8.55 -7.06 5.29
CA TYR D 39 -8.85 -7.18 6.72
C TYR D 39 -7.74 -6.47 7.56
N ASP D 40 -8.17 -5.73 8.60
CA ASP D 40 -7.21 -5.02 9.45
C ASP D 40 -7.63 -5.23 10.85
N ALA D 41 -6.75 -5.99 11.60
CA ALA D 41 -7.07 -6.27 13.00
C ALA D 41 -7.12 -5.05 13.95
N SER D 42 -6.58 -3.92 13.41
CA SER D 42 -6.51 -2.65 14.20
C SER D 42 -7.89 -2.01 14.32
N LEU D 43 -8.82 -2.44 13.45
CA LEU D 43 -10.21 -1.90 13.41
C LEU D 43 -11.12 -2.55 14.42
N THR D 44 -11.03 -1.93 15.63
CA THR D 44 -11.79 -2.42 16.74
C THR D 44 -13.21 -1.77 16.80
N PRO D 45 -14.11 -2.23 17.64
CA PRO D 45 -15.48 -1.75 17.56
C PRO D 45 -15.60 -0.31 18.06
N LEU D 46 -16.39 0.52 17.36
CA LEU D 46 -16.63 1.90 17.81
C LEU D 46 -17.67 1.85 18.92
N GLU D 47 -17.52 2.91 19.73
CA GLU D 47 -18.49 3.14 20.74
C GLU D 47 -19.35 4.44 20.49
N PHE D 48 -20.62 4.26 20.72
CA PHE D 48 -21.62 5.35 20.37
C PHE D 48 -22.06 6.03 21.66
N GLN D 49 -21.57 7.23 21.94
CA GLN D 49 -21.87 7.91 23.23
C GLN D 49 -22.83 9.10 23.04
N GLY D 50 -23.83 9.22 23.92
CA GLY D 50 -24.74 10.36 23.90
C GLY D 50 -25.62 10.32 22.65
N TYR D 51 -25.80 9.08 22.13
CA TYR D 51 -26.72 8.89 20.93
C TYR D 51 -28.16 8.89 21.32
N ASN D 52 -28.45 8.62 22.61
CA ASN D 52 -29.82 8.50 23.04
C ASN D 52 -30.40 9.85 23.42
N LEU D 53 -30.97 10.50 22.44
CA LEU D 53 -31.38 11.93 22.64
C LEU D 53 -32.76 11.97 23.40
N SER D 54 -32.93 12.91 24.30
CA SER D 54 -34.19 12.92 25.03
C SER D 54 -35.38 13.31 24.19
N ALA D 55 -36.48 12.61 24.40
CA ALA D 55 -37.82 13.02 23.81
C ALA D 55 -38.34 14.40 24.22
N ASN D 56 -37.82 14.96 25.30
CA ASN D 56 -38.24 16.28 25.75
C ASN D 56 -37.37 17.36 25.22
N LYS D 57 -36.35 16.98 24.45
N LYS D 57 -36.31 16.98 24.49
CA LYS D 57 -35.50 17.93 23.77
CA LYS D 57 -35.49 17.95 23.79
C LYS D 57 -35.84 17.85 22.29
C LYS D 57 -35.90 17.89 22.31
N GLN D 58 -35.49 18.92 21.58
CA GLN D 58 -35.85 18.94 20.17
C GLN D 58 -34.68 19.39 19.34
N PHE D 59 -34.65 18.88 18.11
CA PHE D 59 -33.46 19.01 17.21
C PHE D 59 -33.94 19.54 15.87
N LEU D 60 -33.18 20.46 15.33
CA LEU D 60 -33.62 21.21 14.15
C LEU D 60 -33.36 20.40 12.87
N LEU D 61 -34.42 20.17 12.12
CA LEU D 61 -34.36 19.59 10.76
C LEU D 61 -34.46 20.68 9.78
N THR D 62 -33.64 20.62 8.71
CA THR D 62 -33.69 21.68 7.74
C THR D 62 -33.44 21.12 6.32
N ASN D 63 -34.10 21.73 5.36
CA ASN D 63 -33.79 21.49 3.92
C ASN D 63 -32.79 22.48 3.46
N ASN D 64 -31.60 22.05 3.14
CA ASN D 64 -30.54 23.04 2.83
C ASN D 64 -30.36 23.27 1.31
N GLY D 65 -31.34 22.75 0.55
CA GLY D 65 -31.17 22.83 -0.91
C GLY D 65 -30.54 21.59 -1.54
N HIS D 66 -29.93 20.74 -0.72
CA HIS D 66 -29.15 19.64 -1.29
C HIS D 66 -29.52 18.27 -0.66
N SER D 67 -29.99 18.30 0.60
CA SER D 67 -30.53 17.08 1.29
C SER D 67 -31.47 17.61 2.38
N VAL D 68 -31.88 16.72 3.25
CA VAL D 68 -32.58 17.08 4.49
C VAL D 68 -31.57 16.72 5.62
N LYS D 69 -31.36 17.70 6.54
CA LYS D 69 -30.35 17.52 7.61
C LYS D 69 -30.93 17.70 9.01
N LEU D 70 -30.54 16.84 9.93
CA LEU D 70 -30.91 16.96 11.29
C LEU D 70 -29.70 17.40 12.11
N ASN D 71 -29.81 18.54 12.80
CA ASN D 71 -28.68 18.97 13.65
C ASN D 71 -28.58 18.10 14.84
N LEU D 72 -27.36 17.82 15.28
CA LEU D 72 -27.08 16.91 16.39
C LEU D 72 -26.21 17.64 17.42
N PRO D 73 -26.33 17.26 18.69
CA PRO D 73 -25.64 17.95 19.81
C PRO D 73 -24.20 17.47 19.88
N SER D 74 -23.25 18.38 20.22
CA SER D 74 -21.84 18.00 20.29
C SER D 74 -21.52 17.04 21.49
N ASP D 75 -22.45 16.85 22.42
CA ASP D 75 -22.28 15.90 23.49
C ASP D 75 -22.32 14.50 22.90
N MET D 76 -22.94 14.36 21.74
CA MET D 76 -23.01 13.01 21.14
C MET D 76 -21.66 12.81 20.37
N HIS D 77 -21.05 11.58 20.56
CA HIS D 77 -19.73 11.38 20.03
C HIS D 77 -19.40 9.94 19.78
N ILE D 78 -18.35 9.75 19.00
CA ILE D 78 -17.79 8.43 18.84
C ILE D 78 -16.42 8.34 19.56
N GLN D 79 -16.27 7.13 20.08
N GLN D 79 -16.18 7.18 20.15
CA GLN D 79 -15.04 6.64 20.55
CA GLN D 79 -14.89 6.85 20.78
C GLN D 79 -14.44 5.54 19.69
C GLN D 79 -14.40 5.51 20.20
N GLY D 80 -13.13 5.49 19.67
CA GLY D 80 -12.50 4.36 19.02
C GLY D 80 -11.52 4.80 17.99
N LEU D 81 -11.62 6.05 17.53
CA LEU D 81 -10.80 6.48 16.43
C LEU D 81 -9.47 7.14 16.99
N GLN D 82 -8.66 7.80 16.16
CA GLN D 82 -7.38 8.40 16.69
C GLN D 82 -7.63 9.69 17.49
N SER D 83 -8.87 10.23 17.45
CA SER D 83 -9.28 11.49 18.25
C SER D 83 -10.73 11.29 18.62
N ARG D 84 -11.33 12.07 19.55
CA ARG D 84 -12.80 12.15 19.85
C ARG D 84 -13.44 12.93 18.64
N TYR D 85 -14.45 12.29 18.04
CA TYR D 85 -15.22 12.91 17.01
C TYR D 85 -16.66 13.12 17.59
N SER D 86 -17.08 14.39 17.57
CA SER D 86 -18.33 14.79 18.11
C SER D 86 -19.40 15.03 16.94
N ALA D 87 -20.62 14.63 17.24
CA ALA D 87 -21.66 14.72 16.17
C ALA D 87 -21.95 16.15 15.77
N THR D 88 -22.28 16.40 14.50
CA THR D 88 -22.76 17.70 14.06
C THR D 88 -24.13 17.64 13.36
N GLN D 89 -24.29 16.61 12.50
CA GLN D 89 -25.57 16.53 11.79
C GLN D 89 -25.64 15.13 11.12
N LEU D 90 -26.86 14.73 10.82
CA LEU D 90 -27.09 13.65 9.90
C LEU D 90 -27.99 14.06 8.70
N HIS D 91 -27.79 13.35 7.56
CA HIS D 91 -28.63 13.62 6.35
C HIS D 91 -28.63 12.35 5.55
N LEU D 92 -29.34 12.46 4.41
CA LEU D 92 -29.49 11.24 3.58
C LEU D 92 -29.25 11.57 2.10
N HIS D 93 -29.11 10.54 1.33
CA HIS D 93 -28.92 10.62 -0.17
C HIS D 93 -29.83 9.62 -0.76
N TRP D 94 -30.49 9.88 -1.86
CA TRP D 94 -31.50 8.92 -2.41
C TRP D 94 -31.62 9.20 -3.92
N GLY D 95 -32.41 8.30 -4.52
CA GLY D 95 -32.64 8.30 -5.98
C GLY D 95 -33.96 8.94 -6.31
N ASN D 96 -34.87 8.19 -7.00
CA ASN D 96 -36.15 8.84 -7.37
C ASN D 96 -37.13 7.67 -7.56
N PRO D 97 -38.46 7.99 -7.72
CA PRO D 97 -39.39 6.87 -7.78
C PRO D 97 -39.10 5.93 -8.98
N ASN D 98 -38.55 6.41 -10.07
CA ASN D 98 -38.25 5.50 -11.19
C ASN D 98 -36.90 4.80 -11.11
N ASP D 99 -36.12 5.15 -10.09
CA ASP D 99 -34.86 4.48 -9.95
C ASP D 99 -34.50 4.59 -8.43
N PRO D 100 -35.01 3.76 -7.60
CA PRO D 100 -34.86 3.89 -6.11
C PRO D 100 -33.56 3.21 -5.78
N HIS D 101 -32.47 3.74 -6.30
CA HIS D 101 -31.10 3.16 -6.14
C HIS D 101 -30.09 4.27 -6.01
N GLY D 102 -30.21 5.03 -4.93
CA GLY D 102 -29.48 6.27 -4.81
C GLY D 102 -28.52 6.27 -3.62
N SER D 103 -28.02 5.13 -3.13
CA SER D 103 -26.94 5.22 -2.17
C SER D 103 -25.69 5.86 -2.89
N GLU D 104 -24.76 6.36 -2.08
CA GLU D 104 -23.51 6.86 -2.63
C GLU D 104 -22.47 5.78 -2.78
N HIS D 105 -22.17 5.09 -1.67
CA HIS D 105 -21.31 3.89 -1.77
C HIS D 105 -22.14 2.78 -2.43
N THR D 106 -21.36 2.01 -3.18
CA THR D 106 -21.93 0.77 -3.78
C THR D 106 -21.15 -0.43 -3.29
N VAL D 107 -21.79 -1.62 -3.35
CA VAL D 107 -21.10 -2.83 -2.92
C VAL D 107 -21.14 -3.79 -4.13
N SER D 108 -19.95 -4.16 -4.52
CA SER D 108 -19.79 -5.07 -5.74
C SER D 108 -20.59 -4.55 -6.90
N GLY D 109 -20.51 -3.24 -7.11
CA GLY D 109 -21.18 -2.63 -8.21
C GLY D 109 -22.66 -2.27 -8.07
N GLN D 110 -23.27 -2.52 -6.93
CA GLN D 110 -24.69 -2.38 -6.75
C GLN D 110 -25.00 -1.23 -5.78
N HIS D 111 -25.91 -0.33 -6.22
CA HIS D 111 -26.43 0.65 -5.30
C HIS D 111 -27.40 0.01 -4.35
N PHE D 112 -27.44 0.55 -3.17
CA PHE D 112 -28.61 0.43 -2.32
C PHE D 112 -29.67 1.52 -2.57
N ALA D 113 -30.82 1.42 -1.95
CA ALA D 113 -31.91 2.42 -2.18
C ALA D 113 -31.50 3.81 -1.76
N ALA D 114 -30.85 3.93 -0.61
CA ALA D 114 -30.53 5.26 -0.11
C ALA D 114 -29.36 5.07 0.86
N GLU D 115 -28.89 6.18 1.47
CA GLU D 115 -27.73 6.14 2.41
C GLU D 115 -27.87 7.19 3.46
N LEU D 116 -27.63 6.85 4.71
CA LEU D 116 -27.60 7.87 5.85
C LEU D 116 -26.19 8.15 6.22
N HIS D 117 -25.88 9.49 6.32
CA HIS D 117 -24.54 9.87 6.84
C HIS D 117 -24.73 10.60 8.18
N ILE D 118 -24.04 10.07 9.17
CA ILE D 118 -23.95 10.78 10.49
C ILE D 118 -22.59 11.43 10.59
N VAL D 119 -22.58 12.76 10.42
CA VAL D 119 -21.32 13.51 10.37
C VAL D 119 -20.86 13.96 11.75
N HIS D 120 -19.54 13.73 11.94
CA HIS D 120 -18.85 14.14 13.21
C HIS D 120 -17.62 14.89 12.83
N TYR D 121 -17.21 15.74 13.79
CA TYR D 121 -15.97 16.50 13.54
C TYR D 121 -14.95 16.27 14.74
N ASN D 122 -13.72 16.53 14.38
CA ASN D 122 -12.54 16.28 15.33
C ASN D 122 -12.52 17.43 16.38
N SER D 123 -13.23 17.16 17.44
CA SER D 123 -13.37 18.13 18.56
C SER D 123 -12.11 18.20 19.40
N ASP D 124 -11.16 17.29 19.23
CA ASP D 124 -9.85 17.46 19.99
C ASP D 124 -9.04 18.55 19.28
N LEU D 125 -9.18 18.74 18.01
CA LEU D 125 -8.40 19.67 17.18
C LEU D 125 -9.16 20.96 16.85
N TYR D 126 -10.50 20.91 16.71
CA TYR D 126 -11.22 21.96 16.12
C TYR D 126 -12.43 22.34 16.94
N PRO D 127 -12.80 23.63 16.89
CA PRO D 127 -13.92 24.10 17.78
C PRO D 127 -15.27 23.84 17.25
N ASP D 128 -15.39 23.53 15.97
CA ASP D 128 -16.65 23.29 15.31
C ASP D 128 -16.50 22.60 13.98
N ALA D 129 -17.60 22.08 13.39
CA ALA D 129 -17.49 21.31 12.23
C ALA D 129 -17.08 22.06 10.99
N SER D 130 -17.60 23.30 10.86
N SER D 130 -17.61 23.31 10.90
CA SER D 130 -17.24 24.08 9.69
CA SER D 130 -17.27 24.16 9.77
C SER D 130 -15.71 24.41 9.64
C SER D 130 -15.74 24.35 9.70
N THR D 131 -15.19 24.75 10.83
CA THR D 131 -13.74 24.96 10.93
C THR D 131 -12.92 23.68 10.60
N ALA D 132 -13.49 22.58 11.05
CA ALA D 132 -12.80 21.27 10.89
C ALA D 132 -12.82 20.81 9.44
N SER D 133 -13.87 21.19 8.71
CA SER D 133 -14.18 20.55 7.44
C SER D 133 -13.11 20.57 6.38
N ASN D 134 -12.25 21.64 6.37
CA ASN D 134 -11.19 21.77 5.35
C ASN D 134 -9.80 21.56 5.93
N LYS D 135 -9.78 20.92 7.08
CA LYS D 135 -8.51 20.73 7.82
C LYS D 135 -8.21 19.27 8.09
N SER D 136 -6.91 18.99 8.13
N SER D 136 -6.95 19.04 8.43
CA SER D 136 -6.44 17.63 8.32
CA SER D 136 -6.42 17.70 8.63
C SER D 136 -7.16 16.89 9.45
C SER D 136 -7.19 16.86 9.61
N GLU D 137 -7.52 15.61 9.22
CA GLU D 137 -8.25 14.83 10.17
C GLU D 137 -9.59 15.44 10.72
N GLY D 138 -10.19 16.31 9.90
CA GLY D 138 -11.28 17.05 10.45
C GLY D 138 -12.62 16.32 10.75
N LEU D 139 -12.97 15.35 9.90
CA LEU D 139 -14.38 14.81 9.97
C LEU D 139 -14.31 13.29 10.02
N ALA D 140 -15.37 12.67 10.54
CA ALA D 140 -15.57 11.22 10.45
C ALA D 140 -17.07 11.10 10.23
N VAL D 141 -17.40 10.24 9.25
CA VAL D 141 -18.79 9.97 8.97
C VAL D 141 -19.09 8.47 9.25
N LEU D 142 -20.26 8.23 9.81
CA LEU D 142 -20.81 6.88 9.86
C LEU D 142 -21.83 6.77 8.75
N ALA D 143 -21.61 5.81 7.85
CA ALA D 143 -22.53 5.59 6.72
C ALA D 143 -23.36 4.32 6.84
N VAL D 144 -24.67 4.51 6.73
CA VAL D 144 -25.56 3.33 6.79
C VAL D 144 -26.20 3.16 5.38
N LEU D 145 -26.04 1.92 4.85
CA LEU D 145 -26.65 1.62 3.55
C LEU D 145 -28.11 1.28 3.84
N ILE D 146 -29.04 1.76 3.03
CA ILE D 146 -30.43 1.61 3.22
C ILE D 146 -31.05 0.83 2.08
N GLU D 147 -31.55 -0.40 2.29
N GLU D 147 -31.74 -0.27 2.45
CA GLU D 147 -32.16 -1.16 1.19
CA GLU D 147 -32.39 -1.20 1.52
C GLU D 147 -33.68 -1.13 1.38
C GLU D 147 -33.90 -1.08 1.48
N MET D 148 -34.49 -1.21 0.28
CA MET D 148 -35.95 -1.29 0.31
C MET D 148 -36.38 -2.60 0.99
N GLY D 149 -37.24 -2.47 2.00
CA GLY D 149 -37.67 -3.63 2.77
C GLY D 149 -38.85 -3.31 3.68
N SER D 150 -38.77 -3.67 4.95
CA SER D 150 -39.78 -3.45 5.95
C SER D 150 -39.80 -1.98 6.39
N PHE D 151 -41.02 -1.59 6.77
CA PHE D 151 -41.24 -0.29 7.45
C PHE D 151 -40.32 -0.15 8.65
N ASN D 152 -39.72 1.06 8.76
CA ASN D 152 -38.79 1.28 9.80
C ASN D 152 -39.27 2.41 10.68
N PRO D 153 -39.78 2.10 11.91
CA PRO D 153 -40.34 3.14 12.73
C PRO D 153 -39.35 4.15 13.23
N SER D 154 -38.09 3.78 13.33
CA SER D 154 -37.07 4.72 13.88
C SER D 154 -36.81 5.72 12.73
N TYR D 155 -36.51 5.26 11.46
CA TYR D 155 -36.31 6.26 10.39
C TYR D 155 -37.57 7.10 10.22
N ASP D 156 -38.75 6.58 10.49
CA ASP D 156 -39.96 7.41 10.38
C ASP D 156 -40.01 8.64 11.39
N LYS D 157 -39.16 8.52 12.46
CA LYS D 157 -39.19 9.63 13.43
C LYS D 157 -38.57 10.86 12.73
N ILE D 158 -37.85 10.63 11.63
CA ILE D 158 -37.33 11.75 10.79
C ILE D 158 -38.31 12.00 9.66
N PHE D 159 -38.76 10.88 9.00
CA PHE D 159 -39.48 11.08 7.79
C PHE D 159 -40.89 11.69 8.00
N SER D 160 -41.49 11.52 9.18
CA SER D 160 -42.79 12.10 9.36
C SER D 160 -42.83 13.60 9.35
N HIS D 161 -41.62 14.16 9.41
CA HIS D 161 -41.46 15.65 9.43
C HIS D 161 -41.19 16.22 8.05
N LEU D 162 -41.05 15.39 7.01
CA LEU D 162 -40.58 15.89 5.70
C LEU D 162 -41.50 16.94 5.13
N GLN D 163 -42.80 16.81 5.32
CA GLN D 163 -43.76 17.86 4.79
C GLN D 163 -43.53 19.29 5.31
N HIS D 164 -42.90 19.41 6.43
CA HIS D 164 -42.64 20.71 7.01
C HIS D 164 -41.36 21.33 6.57
N VAL D 165 -40.56 20.59 5.76
CA VAL D 165 -39.34 21.11 5.27
C VAL D 165 -39.25 20.94 3.70
N LYS D 166 -40.36 21.07 3.00
N LYS D 166 -40.36 21.21 3.07
CA LYS D 166 -40.31 20.75 1.60
CA LYS D 166 -40.55 20.93 1.70
C LYS D 166 -39.29 21.67 0.85
C LYS D 166 -39.58 21.71 0.76
N TYR D 167 -39.26 22.97 1.14
CA TYR D 167 -38.40 23.91 0.36
C TYR D 167 -37.16 24.39 1.03
N LYS D 168 -36.18 24.79 0.22
CA LYS D 168 -34.92 25.24 0.72
C LYS D 168 -35.16 26.27 1.76
N GLY D 169 -34.45 26.12 2.86
CA GLY D 169 -34.53 27.11 3.97
C GLY D 169 -35.62 26.91 5.06
N GLN D 170 -36.51 25.98 4.79
CA GLN D 170 -37.54 25.60 5.77
C GLN D 170 -36.94 24.68 6.86
N GLU D 171 -37.52 24.77 8.08
CA GLU D 171 -36.91 24.19 9.28
C GLU D 171 -38.10 23.64 10.09
N ALA D 172 -37.88 22.57 10.80
CA ALA D 172 -38.91 21.91 11.62
C ALA D 172 -38.16 21.30 12.81
N PHE D 173 -38.86 21.13 13.93
CA PHE D 173 -38.21 20.57 15.15
C PHE D 173 -38.66 19.19 15.27
N VAL D 174 -37.69 18.35 15.56
CA VAL D 174 -37.86 16.94 15.67
C VAL D 174 -37.54 16.60 17.16
N PRO D 175 -38.49 15.95 17.88
CA PRO D 175 -38.16 15.49 19.25
C PRO D 175 -37.01 14.51 19.24
N GLY D 176 -36.22 14.50 20.31
CA GLY D 176 -35.09 13.55 20.34
C GLY D 176 -35.52 12.09 20.37
N PHE D 177 -34.65 11.28 19.86
CA PHE D 177 -34.87 9.82 19.89
C PHE D 177 -33.49 9.21 19.90
N ASN D 178 -33.48 7.90 20.09
CA ASN D 178 -32.21 7.26 20.18
C ASN D 178 -31.67 7.05 18.74
N ILE D 179 -30.69 7.83 18.36
CA ILE D 179 -30.08 7.72 17.01
C ILE D 179 -29.43 6.38 16.73
N GLU D 180 -28.99 5.62 17.75
N GLU D 180 -29.14 5.62 17.81
CA GLU D 180 -28.44 4.28 17.45
CA GLU D 180 -28.54 4.29 17.64
C GLU D 180 -29.53 3.34 16.87
C GLU D 180 -29.50 3.40 16.89
N GLU D 181 -30.81 3.72 17.03
CA GLU D 181 -31.86 2.95 16.33
C GLU D 181 -31.75 3.04 14.80
N LEU D 182 -30.99 3.99 14.29
CA LEU D 182 -30.75 4.11 12.83
C LEU D 182 -29.65 3.25 12.31
N LEU D 183 -28.79 2.68 13.19
CA LEU D 183 -27.69 1.87 12.84
C LEU D 183 -28.12 0.42 12.65
N PRO D 184 -27.36 -0.25 11.80
CA PRO D 184 -27.69 -1.70 11.51
C PRO D 184 -27.19 -2.68 12.54
N GLU D 185 -27.42 -3.96 12.20
N GLU D 185 -27.53 -3.96 12.31
CA GLU D 185 -26.96 -5.12 12.95
CA GLU D 185 -27.01 -5.03 13.14
C GLU D 185 -25.45 -5.19 12.91
C GLU D 185 -25.51 -5.14 12.98
N ARG D 186 -24.86 -5.63 14.05
CA ARG D 186 -23.46 -5.94 14.02
C ARG D 186 -22.59 -4.77 13.57
N THR D 187 -22.78 -3.67 14.28
CA THR D 187 -21.93 -2.53 13.93
C THR D 187 -20.40 -2.68 14.05
N ALA D 188 -19.95 -3.75 14.77
CA ALA D 188 -18.54 -4.00 14.85
C ALA D 188 -17.92 -4.40 13.44
N GLU D 189 -18.83 -4.84 12.54
CA GLU D 189 -18.36 -5.18 11.18
C GLU D 189 -18.59 -3.94 10.22
N TYR D 190 -17.47 -3.46 9.70
CA TYR D 190 -17.51 -2.24 8.89
C TYR D 190 -16.37 -2.14 7.99
N TYR D 191 -16.50 -1.31 6.95
CA TYR D 191 -15.49 -0.92 6.04
C TYR D 191 -14.93 0.47 6.49
N ARG D 192 -13.65 0.69 6.36
CA ARG D 192 -12.99 1.95 6.79
C ARG D 192 -12.03 2.41 5.71
N TYR D 193 -12.12 3.70 5.35
CA TYR D 193 -11.15 4.23 4.36
C TYR D 193 -11.02 5.75 4.50
N ARG D 194 -9.99 6.26 3.88
CA ARG D 194 -9.78 7.76 3.92
C ARG D 194 -10.29 8.33 2.66
N GLY D 195 -11.25 9.28 2.83
CA GLY D 195 -11.87 9.95 1.65
C GLY D 195 -12.20 11.38 1.90
N SER D 196 -13.32 11.81 1.35
CA SER D 196 -13.64 13.22 1.26
C SER D 196 -15.10 13.44 1.58
N LEU D 197 -15.48 14.67 1.70
CA LEU D 197 -16.91 15.00 1.61
C LEU D 197 -17.37 14.61 0.18
N THR D 198 -18.61 14.01 0.17
CA THR D 198 -19.18 13.70 -1.14
C THR D 198 -19.92 14.79 -1.83
N THR D 199 -19.89 15.96 -1.16
CA THR D 199 -20.50 17.19 -1.77
C THR D 199 -19.45 18.24 -1.78
N PRO D 200 -19.62 19.26 -2.62
CA PRO D 200 -18.72 20.42 -2.50
C PRO D 200 -18.64 20.86 -1.04
N PRO D 201 -17.49 21.37 -0.61
CA PRO D 201 -16.24 21.48 -1.42
C PRO D 201 -15.32 20.28 -1.57
N CYS D 202 -15.83 19.09 -1.19
CA CYS D 202 -15.14 17.78 -1.50
C CYS D 202 -13.82 17.60 -0.71
N ASN D 203 -13.72 18.33 0.40
CA ASN D 203 -12.37 18.30 1.08
C ASN D 203 -12.00 16.90 1.42
N PRO D 204 -10.75 16.52 1.16
CA PRO D 204 -10.29 15.14 1.51
C PRO D 204 -9.96 14.95 2.99
N THR D 205 -10.93 15.14 3.85
CA THR D 205 -10.77 15.26 5.27
C THR D 205 -11.61 14.33 6.13
N VAL D 206 -12.18 13.33 5.42
CA VAL D 206 -13.12 12.43 6.05
C VAL D 206 -12.60 10.99 6.24
N LEU D 207 -12.69 10.60 7.48
CA LEU D 207 -12.50 9.20 7.84
C LEU D 207 -13.86 8.50 7.72
N TRP D 208 -13.96 7.69 6.70
CA TRP D 208 -15.24 6.96 6.47
C TRP D 208 -15.39 5.60 7.16
N THR D 209 -16.55 5.39 7.80
CA THR D 209 -16.86 4.07 8.31
C THR D 209 -18.22 3.75 7.67
N VAL D 210 -18.22 2.70 6.84
CA VAL D 210 -19.41 2.18 6.21
C VAL D 210 -19.81 0.86 6.86
N PHE D 211 -20.95 0.79 7.54
CA PHE D 211 -21.26 -0.48 8.19
C PHE D 211 -21.50 -1.55 7.12
N ARG D 212 -21.19 -2.83 7.47
CA ARG D 212 -21.27 -3.93 6.49
C ARG D 212 -22.74 -4.20 6.20
N ASN D 213 -23.58 -4.19 7.19
CA ASN D 213 -24.99 -4.56 7.03
C ASN D 213 -25.86 -3.31 6.74
N PRO D 214 -26.82 -3.43 5.84
CA PRO D 214 -27.83 -2.38 5.62
C PRO D 214 -28.91 -2.40 6.64
N VAL D 215 -29.65 -1.30 6.73
CA VAL D 215 -30.97 -1.30 7.33
C VAL D 215 -32.01 -1.34 6.24
N GLN D 216 -33.25 -1.53 6.61
CA GLN D 216 -34.39 -1.53 5.66
C GLN D 216 -35.31 -0.37 6.06
N ILE D 217 -35.87 0.25 5.04
CA ILE D 217 -37.08 1.12 5.16
C ILE D 217 -38.08 0.70 4.06
N SER D 218 -39.35 1.02 4.18
CA SER D 218 -40.25 0.51 3.20
C SER D 218 -40.30 1.24 1.88
N GLN D 219 -40.88 0.67 0.86
CA GLN D 219 -41.07 1.38 -0.39
C GLN D 219 -41.92 2.66 -0.16
N GLU D 220 -42.88 2.67 0.74
CA GLU D 220 -43.71 3.87 0.98
C GLU D 220 -42.84 4.92 1.66
N GLN D 221 -41.88 4.56 2.53
CA GLN D 221 -40.99 5.52 3.13
C GLN D 221 -40.06 6.01 2.10
N LEU D 222 -39.50 5.17 1.23
CA LEU D 222 -38.60 5.66 0.15
C LEU D 222 -39.39 6.63 -0.78
N LEU D 223 -40.61 6.36 -1.14
CA LEU D 223 -41.33 7.18 -2.11
C LEU D 223 -41.60 8.50 -1.41
N ALA D 224 -41.92 8.48 -0.12
CA ALA D 224 -42.14 9.81 0.56
C ALA D 224 -40.85 10.62 0.54
N LEU D 225 -39.73 10.03 0.90
CA LEU D 225 -38.45 10.70 0.83
C LEU D 225 -38.17 11.25 -0.53
N GLU D 226 -38.46 10.49 -1.57
CA GLU D 226 -38.09 10.85 -2.97
C GLU D 226 -39.02 11.89 -3.56
N THR D 227 -40.15 12.18 -2.94
CA THR D 227 -41.16 13.06 -3.54
C THR D 227 -41.45 14.26 -2.63
N ALA D 228 -40.93 14.29 -1.41
CA ALA D 228 -41.38 15.29 -0.42
C ALA D 228 -40.69 16.64 -0.70
N LEU D 229 -39.46 16.62 -1.22
CA LEU D 229 -38.61 17.81 -1.05
C LEU D 229 -38.24 18.44 -2.41
N TYR D 230 -38.00 19.79 -2.31
CA TYR D 230 -37.42 20.56 -3.42
C TYR D 230 -36.07 21.15 -3.04
N CYS D 231 -35.23 21.35 -4.06
CA CYS D 231 -33.95 21.97 -3.80
C CYS D 231 -33.99 23.49 -3.73
N THR D 232 -35.12 23.98 -4.22
CA THR D 232 -35.29 25.47 -4.47
C THR D 232 -36.14 26.08 -3.37
N HIS D 233 -36.09 27.40 -3.24
CA HIS D 233 -36.95 28.11 -2.35
C HIS D 233 -38.39 28.05 -2.85
N MET D 234 -39.37 28.22 -1.95
N MET D 234 -39.27 28.28 -1.89
CA MET D 234 -40.80 28.15 -2.35
CA MET D 234 -40.70 28.17 -2.10
C MET D 234 -41.06 29.11 -3.50
C MET D 234 -41.26 29.02 -3.22
N ASP D 235 -40.48 30.31 -3.38
N ASP D 235 -40.57 30.14 -3.51
CA ASP D 235 -40.72 31.31 -4.38
CA ASP D 235 -40.95 31.11 -4.55
C ASP D 235 -39.93 31.23 -5.68
C ASP D 235 -40.15 31.08 -5.84
N ASP D 236 -39.22 30.14 -5.96
CA ASP D 236 -38.41 30.05 -7.15
C ASP D 236 -39.30 29.77 -8.37
N PRO D 237 -39.16 30.57 -9.46
CA PRO D 237 -40.02 30.33 -10.61
C PRO D 237 -39.64 29.08 -11.39
N SER D 238 -38.46 28.50 -11.09
N SER D 238 -38.51 28.48 -10.99
CA SER D 238 -38.03 27.26 -11.73
CA SER D 238 -37.94 27.36 -11.66
C SER D 238 -37.79 26.24 -10.62
C SER D 238 -37.76 26.21 -10.64
N PRO D 239 -38.88 25.62 -10.14
CA PRO D 239 -38.67 24.59 -9.10
C PRO D 239 -37.86 23.40 -9.53
N ARG D 240 -37.09 22.86 -8.57
CA ARG D 240 -36.30 21.63 -8.91
C ARG D 240 -36.55 20.59 -7.76
N GLU D 241 -37.01 19.39 -8.15
N GLU D 241 -37.07 19.40 -8.10
CA GLU D 241 -37.11 18.27 -7.22
CA GLU D 241 -37.20 18.38 -7.06
C GLU D 241 -35.80 17.85 -6.56
C GLU D 241 -35.89 17.81 -6.61
N MET D 242 -35.86 17.56 -5.27
CA MET D 242 -34.66 17.02 -4.58
C MET D 242 -34.66 15.49 -4.74
N ILE D 243 -34.08 15.05 -5.85
CA ILE D 243 -34.01 13.67 -6.30
C ILE D 243 -32.54 13.42 -6.79
N ASN D 244 -32.21 12.13 -6.71
CA ASN D 244 -30.93 11.69 -7.26
C ASN D 244 -29.76 12.52 -6.75
N ASN D 245 -29.78 12.75 -5.43
CA ASN D 245 -28.80 13.60 -4.76
C ASN D 245 -27.64 12.75 -4.19
N PHE D 246 -27.03 11.92 -5.08
CA PHE D 246 -25.86 11.14 -4.76
C PHE D 246 -24.83 11.42 -5.83
N ARG D 247 -23.59 11.30 -5.40
CA ARG D 247 -22.48 11.39 -6.35
C ARG D 247 -22.07 10.06 -6.90
N GLN D 248 -21.61 10.04 -8.16
CA GLN D 248 -21.08 8.74 -8.67
C GLN D 248 -19.85 8.33 -7.91
N VAL D 249 -19.56 7.04 -7.96
CA VAL D 249 -18.33 6.53 -7.30
C VAL D 249 -17.07 7.04 -8.05
N GLN D 250 -16.03 7.10 -7.26
CA GLN D 250 -14.76 7.73 -7.68
C GLN D 250 -13.61 6.77 -7.88
N LYS D 251 -12.61 7.21 -8.63
CA LYS D 251 -11.38 6.38 -8.76
C LYS D 251 -10.77 6.14 -7.37
N PHE D 252 -10.18 4.95 -7.25
CA PHE D 252 -9.51 4.68 -5.97
C PHE D 252 -8.22 5.45 -5.63
N ASP D 253 -7.46 5.96 -6.63
CA ASP D 253 -6.19 6.71 -6.35
C ASP D 253 -5.27 5.84 -5.47
N GLU D 254 -5.24 4.53 -5.72
CA GLU D 254 -4.31 3.62 -5.03
C GLU D 254 -4.71 3.20 -3.58
N ARG D 255 -5.86 3.69 -3.12
CA ARG D 255 -6.39 3.34 -1.78
C ARG D 255 -6.79 1.85 -1.67
N LEU D 256 -6.61 1.31 -0.47
CA LEU D 256 -7.36 0.15 -0.06
C LEU D 256 -8.49 0.54 0.93
N VAL D 257 -9.46 -0.34 1.02
CA VAL D 257 -10.54 -0.23 2.02
C VAL D 257 -10.33 -1.31 3.04
N TYR D 258 -10.19 -0.94 4.30
CA TYR D 258 -9.80 -1.86 5.37
C TYR D 258 -11.05 -2.36 6.03
N THR D 259 -11.18 -3.66 6.35
CA THR D 259 -12.40 -4.21 6.88
C THR D 259 -12.17 -4.78 8.30
N SER D 260 -13.18 -4.73 9.14
CA SER D 260 -13.08 -5.34 10.52
C SER D 260 -13.54 -6.81 10.50
N PHE D 261 -13.83 -7.36 9.34
CA PHE D 261 -14.40 -8.72 9.22
C PHE D 261 -13.65 -9.34 8.01
N SER D 262 -13.62 -10.66 7.94
CA SER D 262 -13.10 -11.35 6.75
C SER D 262 -14.27 -11.92 5.95
ZN ZN E . 25.04 -8.46 -3.26
O18 E1F F . 22.12 -5.63 -4.02
C13 E1F F . 27.22 2.71 -9.41
C1 E1F F . 25.67 -3.45 -7.36
C2 E1F F . 23.57 -4.59 -6.77
CL1 E1F F . 22.02 -4.96 -7.18
C21 E1F F . 24.34 -3.73 -7.63
C5 E1F F . 26.25 -3.89 -6.16
C4 E1F F . 25.54 -4.79 -5.28
C3 E1F F . 24.20 -5.04 -5.60
S16 E1F F . 23.41 -6.27 -4.52
N19 E1F F . 24.39 -6.60 -3.33
O17 E1F F . 23.24 -7.51 -5.42
C6 E1F F . 26.33 -2.55 -8.36
O12 E1F F . 27.50 -2.29 -8.06
C7 E1F F . 25.54 -2.07 -9.56
S8 E1F F . 26.60 -1.00 -10.67
C9 E1F F . 26.56 0.46 -9.69
N11 E1F F . 25.79 0.57 -8.55
C14 E1F F . 25.72 1.73 -7.86
C15 E1F F . 26.44 2.83 -8.27
N10 E1F F . 27.30 1.54 -10.10
C1 EDO G . 29.59 -5.29 -3.38
O1 EDO G . 30.54 -4.20 -3.68
C2 EDO G . 28.89 -5.73 -4.69
O2 EDO G . 29.78 -5.69 -5.82
C1 EDO H . 40.32 -23.74 -3.65
O1 EDO H . 40.07 -24.10 -5.04
C2 EDO H . 39.13 -23.03 -2.94
O2 EDO H . 37.90 -23.76 -2.70
ZN ZN I . 13.72 -0.55 25.74
O18 E1F J . 17.76 0.19 25.88
C13 E1F J . 20.34 8.69 27.48
C1 E1F J . 16.70 4.73 28.23
C2 E1F J . 17.52 2.48 28.20
CL1 E1F J . 18.60 1.27 28.78
C21 E1F J . 17.53 3.81 28.71
C5 E1F J . 15.78 4.52 27.21
C4 E1F J . 15.73 3.22 26.65
C3 E1F J . 16.66 2.25 27.11
S16 E1F J . 16.45 0.49 26.46
N19 E1F J . 15.27 0.55 25.35
O17 E1F J . 16.00 -0.30 27.59
C6 E1F J . 16.85 6.10 28.86
O12 E1F J . 16.21 7.03 28.41
C7 E1F J . 17.73 6.24 30.06
S8 E1F J . 17.80 8.02 30.67
C9 E1F J . 18.83 8.82 29.41
N11 E1F J . 18.90 10.19 29.41
C14 E1F J . 19.68 10.80 28.49
C15 E1F J . 20.40 10.09 27.49
N10 E1F J . 19.53 8.09 28.42
C1 EDO K . 11.68 4.86 24.69
O1 EDO K . 12.03 6.23 24.96
C2 EDO K . 12.09 4.02 25.98
O2 EDO K . 12.06 4.70 27.33
C1 EDO L . 25.32 -11.74 38.49
O1 EDO L . 24.66 -11.52 37.17
C2 EDO L . 26.88 -11.77 38.43
O2 EDO L . 27.30 -11.26 37.14
ZN ZN M . -12.27 4.78 -25.95
O18 E1F N . -15.21 7.47 -26.98
C13 E1F N . -11.59 14.91 -30.48
C1 E1F N . -11.66 9.77 -30.13
C2 E1F N . -13.65 8.56 -29.52
CL1 E1F N . -15.29 8.21 -29.94
C21 E1F N . -13.01 9.43 -30.38
C5 E1F N . -11.04 9.23 -29.00
C4 E1F N . -11.73 8.42 -28.10
C3 E1F N . -13.05 8.08 -28.35
S16 E1F N . -13.93 6.87 -27.28
N19 E1F N . -12.99 6.61 -26.02
O17 E1F N . -13.86 5.55 -28.07
C6 E1F N . -10.94 10.64 -31.06
O12 E1F N . -9.71 10.58 -30.97
C7 E1F N . -11.71 11.36 -32.13
S8 E1F N . -10.64 12.34 -33.30
C9 E1F N . -10.67 13.80 -32.34
N11 E1F N . -9.97 14.90 -32.76
C14 E1F N . -10.10 16.03 -32.00
C15 E1F N . -10.91 16.05 -30.84
N10 E1F N . -11.46 13.80 -31.22
S SO4 O . -1.61 -16.87 -19.40
O1 SO4 O . -2.39 -17.36 -20.55
O2 SO4 O . -2.52 -16.10 -18.54
O3 SO4 O . -1.11 -18.05 -18.68
O4 SO4 O . -0.51 -15.99 -19.83
ZN ZN P . -23.67 12.74 2.78
O18 E1F Q . -19.60 13.55 2.83
C13 E1F Q . -18.07 22.11 4.16
C1 E1F Q . -20.79 18.02 5.33
C2 E1F Q . -19.90 15.82 5.15
CL1 E1F Q . -18.71 14.70 5.65
C21 E1F Q . -19.91 17.07 5.77
C5 E1F Q . -21.70 17.77 4.34
C4 E1F Q . -21.80 16.48 3.74
C3 E1F Q . -20.82 15.57 4.12
S16 E1F Q . -20.94 13.84 3.43
N19 E1F Q . -22.09 13.87 2.32
O17 E1F Q . -21.32 13.01 4.61
C6 E1F Q . -20.73 19.36 6.02
O12 E1F Q . -21.52 20.18 5.65
C7 E1F Q . -19.74 19.57 7.12
S8 E1F Q . -19.70 21.33 7.66
C9 E1F Q . -19.00 22.22 6.29
N11 E1F Q . -18.92 23.55 6.34
C14 E1F Q . -18.41 24.22 5.30
C15 E1F Q . -18.00 23.49 4.19
N10 E1F Q . -18.59 21.53 5.22
C1 EDO R . -25.85 17.95 1.86
O1 EDO R . -25.65 19.38 1.87
C2 EDO R . -25.24 17.41 3.18
O2 EDO R . -25.37 18.15 4.42
C1 EDO S . -10.38 1.48 15.28
O1 EDO S . -9.93 2.59 14.46
C2 EDO S . -11.83 1.78 15.70
O2 EDO S . -12.66 1.89 14.53
#